data_3OZF
#
_entry.id   3OZF
#
_cell.length_a   75.035
_cell.length_b   88.907
_cell.length_c   80.371
_cell.angle_alpha   90.000
_cell.angle_beta   117.060
_cell.angle_gamma   90.000
#
_symmetry.space_group_name_H-M   'P 1 21 1'
#
loop_
_entity.id
_entity.type
_entity.pdbx_description
1 polymer 'Hypoxanthine-guanine-xanthine phosphoribosyltransferase'
2 non-polymer HYPOXANTHINE
3 non-polymer 'PYROPHOSPHATE 2-'
4 non-polymer 'PHOSPHATE ION'
5 non-polymer 'MAGNESIUM ION'
6 water water
#
_entity_poly.entity_id   1
_entity_poly.type   'polypeptide(L)'
_entity_poly.pdbx_seq_one_letter_code
;MGGSHHHHHHGGLVPRGSHMPIPNNPGAGENAFDPVFVNDDDGYDLDSFMIPAHYKKYLTKVLVPNGVIKNRIEKLAYDI
KKVYNNEEFHILCLLKGSRGFFTALLKHLSRIHNYSAVETSKPLFGEHYVRVKSYCNDQSTGTLEIVSEDLSCLKGKHVL
IVEDIIDTGKTLVKFCEYLKKFEIKTVAIACLFIKRTPLWNGFKADFVGFSIPDHFVVGYSLDYNEIFRDLDHCCLVNDE
GKKKYKATSL
;
_entity_poly.pdbx_strand_id   A,B,C,D
#
# COMPACT_ATOMS: atom_id res chain seq x y z
N PRO A 15 9.11 33.74 -9.03
CA PRO A 15 8.47 33.05 -10.18
C PRO A 15 9.48 32.50 -11.18
N ARG A 16 9.04 31.54 -11.99
CA ARG A 16 9.96 30.79 -12.86
C ARG A 16 10.65 31.67 -13.90
N GLY A 17 10.04 32.79 -14.27
CA GLY A 17 10.67 33.75 -15.21
C GLY A 17 11.82 34.58 -14.64
N SER A 18 11.94 34.59 -13.31
CA SER A 18 12.93 35.36 -12.60
C SER A 18 14.11 34.52 -12.11
N HIS A 19 13.86 33.26 -11.82
CA HIS A 19 14.91 32.37 -11.34
C HIS A 19 14.58 30.97 -11.82
N MET A 20 15.49 30.41 -12.60
CA MET A 20 15.33 29.02 -13.04
C MET A 20 15.48 28.05 -11.88
N PRO A 21 14.44 27.27 -11.61
CA PRO A 21 14.35 26.46 -10.39
C PRO A 21 15.21 25.21 -10.38
N ILE A 22 15.56 24.68 -11.54
CA ILE A 22 16.33 23.43 -11.55
C ILE A 22 17.74 23.64 -10.97
N PRO A 23 18.11 22.85 -9.93
CA PRO A 23 19.41 23.10 -9.32
C PRO A 23 20.57 22.74 -10.26
N ASN A 24 21.63 23.53 -10.19
CA ASN A 24 22.83 23.20 -10.93
C ASN A 24 24.12 23.57 -10.22
N ASN A 25 24.23 23.24 -8.95
CA ASN A 25 25.48 23.45 -8.26
C ASN A 25 25.64 22.30 -7.28
N PRO A 26 26.01 21.11 -7.80
CA PRO A 26 26.00 19.88 -7.00
C PRO A 26 26.96 19.95 -5.81
N GLY A 27 26.45 19.61 -4.62
CA GLY A 27 27.23 19.75 -3.41
C GLY A 27 26.90 21.01 -2.64
N ALA A 28 26.29 21.99 -3.32
CA ALA A 28 25.99 23.27 -2.64
C ALA A 28 24.61 23.36 -1.96
N GLY A 29 23.66 22.52 -2.39
CA GLY A 29 22.29 22.54 -1.85
C GLY A 29 21.72 23.95 -1.81
N GLU A 30 21.96 24.70 -2.89
CA GLU A 30 21.72 26.15 -2.98
C GLU A 30 20.34 26.60 -2.48
N ASN A 31 19.29 25.88 -2.87
CA ASN A 31 17.93 26.29 -2.49
C ASN A 31 17.13 25.17 -1.82
N ALA A 32 17.85 24.29 -1.12
CA ALA A 32 17.25 23.09 -0.51
C ALA A 32 16.35 23.46 0.68
N PHE A 33 15.18 22.82 0.77
CA PHE A 33 14.40 22.87 2.03
C PHE A 33 15.16 22.11 3.12
N ASP A 34 15.04 22.55 4.38
CA ASP A 34 15.63 21.76 5.47
C ASP A 34 15.00 20.38 5.56
N PRO A 35 15.81 19.39 5.99
CA PRO A 35 15.24 18.07 6.24
C PRO A 35 14.49 18.04 7.56
N VAL A 36 13.74 16.96 7.78
CA VAL A 36 13.17 16.67 9.07
C VAL A 36 14.32 16.38 10.04
N PHE A 37 14.33 17.00 11.21
CA PHE A 37 15.46 16.88 12.10
C PHE A 37 15.20 15.76 13.10
N VAL A 38 16.09 14.79 13.18
CA VAL A 38 15.91 13.67 14.12
C VAL A 38 16.95 13.83 15.22
N ASN A 39 16.51 14.06 16.44
CA ASN A 39 17.46 14.29 17.52
C ASN A 39 18.16 13.03 18.00
N ASP A 40 19.35 13.17 18.61
CA ASP A 40 20.09 12.01 19.10
C ASP A 40 19.30 11.11 20.04
N ASP A 41 18.42 11.68 20.86
CA ASP A 41 17.62 10.88 21.82
C ASP A 41 16.25 10.49 21.31
N ASP A 42 15.95 10.84 20.06
CA ASP A 42 14.74 10.41 19.43
C ASP A 42 14.73 8.91 19.12
N GLY A 43 13.53 8.33 19.09
CA GLY A 43 13.35 6.97 18.61
C GLY A 43 12.40 6.17 19.48
N TYR A 44 12.39 4.85 19.26
CA TYR A 44 11.37 3.97 19.83
C TYR A 44 12.02 2.68 20.24
N ASP A 45 11.51 2.07 21.30
CA ASP A 45 12.03 0.76 21.62
C ASP A 45 11.52 -0.25 20.57
N LEU A 46 12.19 -1.39 20.51
CA LEU A 46 11.95 -2.40 19.50
C LEU A 46 10.59 -3.08 19.60
N ASP A 47 9.94 -2.98 20.76
CA ASP A 47 8.61 -3.55 20.93
C ASP A 47 7.46 -2.66 20.42
N SER A 48 7.77 -1.46 19.94
CA SER A 48 6.73 -0.52 19.51
C SER A 48 6.21 -0.82 18.12
N PHE A 49 7.03 -1.47 17.31
CA PHE A 49 6.72 -1.68 15.92
C PHE A 49 7.08 -3.11 15.58
N MET A 50 6.74 -3.52 14.36
CA MET A 50 7.14 -4.86 13.89
C MET A 50 8.63 -4.89 13.56
N ILE A 51 9.36 -5.81 14.18
CA ILE A 51 10.77 -6.05 13.88
C ILE A 51 10.92 -7.57 13.66
N PRO A 52 11.63 -8.01 12.61
CA PRO A 52 11.89 -9.45 12.41
C PRO A 52 12.56 -10.02 13.67
N ALA A 53 12.00 -11.10 14.20
CA ALA A 53 12.38 -11.57 15.53
C ALA A 53 13.88 -11.82 15.67
N HIS A 54 14.49 -12.38 14.63
CA HIS A 54 15.93 -12.67 14.64
C HIS A 54 16.84 -11.43 14.60
N TYR A 55 16.30 -10.26 14.23
CA TYR A 55 17.09 -9.00 14.19
C TYR A 55 17.18 -8.28 15.52
N LYS A 56 16.23 -8.57 16.39
CA LYS A 56 16.01 -7.77 17.60
C LYS A 56 17.21 -7.76 18.50
N LYS A 57 17.87 -8.92 18.64
CA LYS A 57 19.11 -9.00 19.45
C LYS A 57 20.25 -8.13 18.92
N TYR A 58 20.13 -7.65 17.67
CA TYR A 58 21.24 -6.92 17.05
C TYR A 58 20.99 -5.41 16.91
N LEU A 59 19.85 -4.94 17.39
CA LEU A 59 19.41 -3.56 17.22
C LEU A 59 19.32 -2.85 18.56
N THR A 60 19.69 -1.57 18.59
CA THR A 60 19.49 -0.75 19.79
C THR A 60 18.08 -0.17 19.89
N LYS A 61 17.58 0.47 18.83
CA LYS A 61 16.26 1.09 18.88
C LYS A 61 15.82 1.31 17.44
N VAL A 62 14.56 1.67 17.24
CA VAL A 62 14.10 2.19 15.95
C VAL A 62 14.38 3.68 15.99
N LEU A 63 15.08 4.19 14.98
CA LEU A 63 15.31 5.63 14.88
C LEU A 63 14.22 6.33 14.08
N VAL A 64 13.97 5.85 12.86
CA VAL A 64 12.86 6.40 12.05
C VAL A 64 11.97 5.29 11.49
N PRO A 65 10.69 5.26 11.89
CA PRO A 65 9.85 4.18 11.40
C PRO A 65 9.64 4.22 9.86
N ASN A 66 9.41 3.05 9.26
CA ASN A 66 9.11 2.90 7.81
C ASN A 66 8.07 3.89 7.29
N GLY A 67 6.96 4.02 8.00
CA GLY A 67 5.84 4.86 7.54
C GLY A 67 6.22 6.35 7.50
N VAL A 68 7.01 6.79 8.45
CA VAL A 68 7.55 8.18 8.45
C VAL A 68 8.43 8.43 7.24
N ILE A 69 9.28 7.44 6.95
CA ILE A 69 10.19 7.52 5.80
C ILE A 69 9.33 7.62 4.52
N LYS A 70 8.31 6.78 4.42
CA LYS A 70 7.47 6.76 3.19
C LYS A 70 6.72 8.06 3.01
N ASN A 71 6.19 8.60 4.10
CA ASN A 71 5.49 9.87 4.07
C ASN A 71 6.41 10.99 3.69
N ARG A 72 7.63 11.00 4.25
CA ARG A 72 8.63 12.02 3.89
C ARG A 72 8.98 12.00 2.40
N ILE A 73 9.23 10.79 1.89
CA ILE A 73 9.58 10.61 0.48
C ILE A 73 8.45 11.12 -0.45
N GLU A 74 7.20 10.90 -0.07
CA GLU A 74 6.09 11.48 -0.89
C GLU A 74 6.24 13.01 -0.98
N LYS A 75 6.61 13.64 0.14
CA LYS A 75 6.79 15.10 0.14
C LYS A 75 8.00 15.47 -0.70
N LEU A 76 9.06 14.65 -0.68
CA LEU A 76 10.23 14.96 -1.54
C LEU A 76 9.85 14.92 -3.01
N ALA A 77 9.03 13.93 -3.36
CA ALA A 77 8.53 13.74 -4.74
C ALA A 77 7.81 14.99 -5.18
N TYR A 78 6.93 15.46 -4.28
CA TYR A 78 6.22 16.70 -4.48
C TYR A 78 7.17 17.88 -4.74
N ASP A 79 8.17 18.06 -3.86
CA ASP A 79 9.15 19.15 -4.02
C ASP A 79 9.90 19.01 -5.38
N ILE A 80 10.22 17.77 -5.75
CA ILE A 80 10.93 17.52 -7.02
C ILE A 80 10.03 17.91 -8.20
N LYS A 81 8.78 17.48 -8.15
CA LYS A 81 7.84 17.79 -9.23
C LYS A 81 7.65 19.32 -9.32
N LYS A 82 7.55 20.01 -8.18
CA LYS A 82 7.40 21.46 -8.22
C LYS A 82 8.61 22.12 -8.88
N VAL A 83 9.80 21.62 -8.59
CA VAL A 83 11.02 22.16 -9.23
C VAL A 83 11.09 21.93 -10.75
N TYR A 84 11.00 20.67 -11.19
CA TYR A 84 11.19 20.31 -12.61
C TYR A 84 9.99 20.67 -13.47
N ASN A 85 8.83 20.69 -12.84
CA ASN A 85 7.58 21.03 -13.48
C ASN A 85 7.29 20.00 -14.60
N ASN A 86 7.35 20.41 -15.86
CA ASN A 86 7.21 19.51 -17.00
C ASN A 86 8.51 19.18 -17.75
N GLU A 87 9.65 19.59 -17.21
CA GLU A 87 10.90 19.35 -17.91
C GLU A 87 11.43 17.94 -17.64
N GLU A 88 11.73 17.21 -18.73
CA GLU A 88 12.29 15.87 -18.69
C GLU A 88 13.58 15.85 -17.85
N PHE A 89 13.67 14.93 -16.90
CA PHE A 89 14.94 14.70 -16.24
C PHE A 89 15.23 13.20 -16.07
N HIS A 90 16.45 12.87 -15.66
CA HIS A 90 16.88 11.49 -15.64
C HIS A 90 17.35 11.15 -14.24
N ILE A 91 16.72 10.14 -13.65
CA ILE A 91 16.99 9.77 -12.26
C ILE A 91 18.06 8.70 -12.27
N LEU A 92 19.03 8.84 -11.37
CA LEU A 92 20.16 7.95 -11.37
C LEU A 92 20.28 7.40 -9.94
N CYS A 93 20.01 6.11 -9.84
CA CYS A 93 19.91 5.39 -8.59
CA CYS A 93 19.98 5.45 -8.56
C CYS A 93 21.28 4.80 -8.22
N LEU A 94 21.83 5.20 -7.09
CA LEU A 94 23.10 4.62 -6.65
C LEU A 94 22.84 3.32 -5.87
N LEU A 95 23.03 2.18 -6.54
CA LEU A 95 22.84 0.87 -5.92
C LEU A 95 23.98 0.48 -4.96
N LYS A 96 23.73 -0.36 -3.96
CA LYS A 96 22.45 -1.03 -3.73
C LYS A 96 21.57 -0.26 -2.74
N GLY A 97 22.19 0.59 -1.92
CA GLY A 97 21.51 1.18 -0.76
C GLY A 97 20.36 2.12 -1.07
N SER A 98 20.39 2.73 -2.26
CA SER A 98 19.33 3.65 -2.61
C SER A 98 18.02 3.00 -3.10
N ARG A 99 17.99 1.66 -3.18
CA ARG A 99 16.80 0.95 -3.71
C ARG A 99 15.46 1.34 -3.07
N GLY A 100 15.36 1.19 -1.75
CA GLY A 100 14.14 1.57 -0.99
C GLY A 100 13.72 3.01 -1.27
N PHE A 101 14.67 3.94 -1.14
CA PHE A 101 14.40 5.35 -1.38
C PHE A 101 13.85 5.50 -2.80
N PHE A 102 14.61 4.95 -3.74
CA PHE A 102 14.32 5.12 -5.16
C PHE A 102 12.96 4.58 -5.58
N THR A 103 12.59 3.40 -5.12
CA THR A 103 11.30 2.87 -5.58
C THR A 103 10.11 3.60 -4.96
N ALA A 104 10.25 4.02 -3.70
CA ALA A 104 9.23 4.87 -3.08
C ALA A 104 9.12 6.20 -3.84
N LEU A 105 10.28 6.77 -4.18
CA LEU A 105 10.33 8.05 -4.84
C LEU A 105 9.64 7.96 -6.21
N LEU A 106 9.94 6.89 -6.97
CA LEU A 106 9.33 6.70 -8.30
C LEU A 106 7.83 6.54 -8.23
N LYS A 107 7.38 5.75 -7.26
CA LYS A 107 5.95 5.50 -7.06
C LYS A 107 5.22 6.84 -6.84
N HIS A 108 5.77 7.64 -5.92
CA HIS A 108 5.14 8.91 -5.62
C HIS A 108 5.26 9.95 -6.70
N LEU A 109 6.46 10.11 -7.29
CA LEU A 109 6.63 11.01 -8.44
C LEU A 109 5.68 10.67 -9.60
N SER A 110 5.55 9.39 -9.93
CA SER A 110 4.63 8.98 -10.99
C SER A 110 3.17 9.31 -10.69
N ARG A 111 2.75 9.13 -9.45
CA ARG A 111 1.37 9.43 -9.09
C ARG A 111 1.09 10.93 -9.16
N ILE A 112 2.00 11.73 -8.60
CA ILE A 112 1.82 13.18 -8.56
C ILE A 112 1.81 13.69 -10.01
N HIS A 113 2.78 13.24 -10.82
CA HIS A 113 2.83 13.69 -12.20
C HIS A 113 1.60 13.22 -13.03
N ASN A 114 1.30 11.93 -12.93
CA ASN A 114 0.25 11.33 -13.72
C ASN A 114 -1.16 11.76 -13.32
N TYR A 115 -1.33 12.11 -12.04
CA TYR A 115 -2.61 12.67 -11.58
C TYR A 115 -2.92 14.03 -12.20
N SER A 116 -1.91 14.86 -12.38
CA SER A 116 -2.16 16.21 -12.90
C SER A 116 -1.92 16.32 -14.41
N ALA A 117 -1.56 15.20 -15.05
CA ALA A 117 -1.24 15.19 -16.48
C ALA A 117 -2.51 15.38 -17.31
N VAL A 118 -2.36 15.97 -18.47
CA VAL A 118 -3.48 16.10 -19.39
C VAL A 118 -3.09 15.40 -20.68
N GLU A 119 -4.01 15.41 -21.63
CA GLU A 119 -3.78 14.67 -22.88
C GLU A 119 -2.51 15.15 -23.59
N THR A 120 -2.20 16.43 -23.48
CA THR A 120 -1.02 16.98 -24.16
C THR A 120 0.25 16.93 -23.31
N SER A 121 0.20 16.26 -22.16
CA SER A 121 1.40 16.10 -21.35
C SER A 121 2.39 15.08 -21.93
N LYS A 122 3.54 14.93 -21.25
CA LYS A 122 4.60 14.05 -21.70
C LYS A 122 5.13 13.38 -20.44
N PRO A 123 5.89 12.29 -20.63
CA PRO A 123 6.52 11.58 -19.51
C PRO A 123 7.46 12.54 -18.79
N LEU A 124 7.72 12.31 -17.52
CA LEU A 124 8.49 13.27 -16.77
C LEU A 124 9.97 12.85 -16.63
N PHE A 125 10.26 11.57 -16.42
CA PHE A 125 11.64 11.16 -16.14
C PHE A 125 12.03 9.85 -16.81
N GLY A 126 13.34 9.68 -17.02
CA GLY A 126 13.92 8.40 -17.38
C GLY A 126 14.59 7.85 -16.13
N GLU A 127 14.95 6.58 -16.14
CA GLU A 127 15.60 5.97 -14.96
C GLU A 127 16.90 5.27 -15.35
N HIS A 128 17.87 5.34 -14.44
CA HIS A 128 19.20 4.83 -14.69
C HIS A 128 19.80 4.33 -13.38
N TYR A 129 20.75 3.39 -13.49
CA TYR A 129 21.30 2.70 -12.33
C TYR A 129 22.81 2.66 -12.43
N VAL A 130 23.49 2.95 -11.32
CA VAL A 130 24.92 2.73 -11.25
C VAL A 130 25.21 2.07 -9.91
N ARG A 131 26.10 1.10 -9.89
CA ARG A 131 26.52 0.46 -8.64
C ARG A 131 27.84 1.11 -8.25
N VAL A 132 27.86 1.63 -7.04
CA VAL A 132 29.00 2.27 -6.44
C VAL A 132 29.19 1.62 -5.05
N LYS A 133 30.43 1.50 -4.57
CA LYS A 133 30.68 0.82 -3.30
C LYS A 133 31.90 1.42 -2.60
N SER A 134 31.79 1.65 -1.29
CA SER A 134 32.90 2.24 -0.53
C SER A 134 33.03 1.75 0.92
N TYR A 135 31.95 1.23 1.49
CA TYR A 135 31.95 0.85 2.90
C TYR A 135 32.49 -0.54 3.14
N CYS A 136 33.17 -0.70 4.27
CA CYS A 136 33.42 -2.00 4.85
C CYS A 136 33.11 -1.87 6.34
N ASN A 137 32.30 -2.79 6.86
CA ASN A 137 31.77 -2.67 8.22
C ASN A 137 31.00 -1.35 8.37
N ASP A 138 31.30 -0.60 9.44
CA ASP A 138 30.61 0.68 9.71
C ASP A 138 31.40 1.92 9.27
N GLN A 139 32.34 1.74 8.35
CA GLN A 139 33.25 2.84 8.01
C GLN A 139 33.51 2.89 6.53
N SER A 140 33.57 4.10 5.98
CA SER A 140 34.01 4.29 4.60
C SER A 140 35.46 3.84 4.49
N THR A 141 35.78 3.12 3.43
CA THR A 141 37.18 2.75 3.16
C THR A 141 37.93 3.93 2.54
N GLY A 142 37.20 4.95 2.08
CA GLY A 142 37.83 6.14 1.48
C GLY A 142 38.13 6.00 0.00
N THR A 143 37.80 4.85 -0.56
CA THR A 143 37.87 4.66 -2.01
C THR A 143 36.48 4.29 -2.53
N LEU A 144 36.11 4.85 -3.67
CA LEU A 144 34.84 4.53 -4.31
C LEU A 144 35.05 3.61 -5.52
N GLU A 145 34.41 2.45 -5.50
CA GLU A 145 34.41 1.60 -6.68
C GLU A 145 33.14 1.85 -7.48
N ILE A 146 33.29 2.17 -8.75
CA ILE A 146 32.15 2.45 -9.63
C ILE A 146 32.06 1.37 -10.69
N VAL A 147 30.93 0.67 -10.80
CA VAL A 147 30.80 -0.22 -11.93
C VAL A 147 30.31 0.61 -13.12
N SER A 148 31.31 1.03 -13.90
CA SER A 148 31.16 1.82 -15.11
C SER A 148 30.03 1.28 -15.99
N GLU A 149 29.14 2.17 -16.42
CA GLU A 149 28.01 1.84 -17.29
C GLU A 149 27.84 3.02 -18.29
N ASP A 150 27.37 2.77 -19.51
CA ASP A 150 27.49 3.82 -20.53
C ASP A 150 26.56 5.01 -20.32
N LEU A 151 27.07 6.03 -19.64
CA LEU A 151 26.24 7.18 -19.27
C LEU A 151 26.19 8.33 -20.30
N SER A 152 26.65 8.06 -21.52
CA SER A 152 26.71 9.14 -22.53
C SER A 152 25.32 9.50 -23.05
N CYS A 153 24.35 8.62 -22.79
CA CYS A 153 22.93 8.96 -22.97
C CYS A 153 22.45 10.14 -22.08
N LEU A 154 23.27 10.53 -21.10
CA LEU A 154 22.98 11.67 -20.24
C LEU A 154 23.54 12.98 -20.79
N LYS A 155 24.20 12.92 -21.94
CA LYS A 155 24.80 14.13 -22.50
C LYS A 155 23.67 15.13 -22.72
N GLY A 156 23.88 16.35 -22.20
CA GLY A 156 22.92 17.45 -22.30
C GLY A 156 21.55 17.22 -21.66
N LYS A 157 21.48 16.35 -20.66
CA LYS A 157 20.22 16.09 -19.94
C LYS A 157 20.29 16.64 -18.52
N HIS A 158 19.12 16.93 -17.94
CA HIS A 158 19.00 17.21 -16.49
C HIS A 158 19.05 15.89 -15.74
N VAL A 159 19.96 15.79 -14.76
CA VAL A 159 20.17 14.54 -14.03
C VAL A 159 19.91 14.80 -12.53
N LEU A 160 19.15 13.88 -11.94
CA LEU A 160 18.93 13.88 -10.51
C LEU A 160 19.48 12.58 -9.95
N ILE A 161 20.55 12.70 -9.17
CA ILE A 161 21.10 11.59 -8.44
C ILE A 161 20.28 11.28 -7.20
N VAL A 162 19.95 9.99 -7.03
CA VAL A 162 19.18 9.53 -5.87
C VAL A 162 20.05 8.64 -4.98
N GLU A 163 20.31 9.12 -3.76
CA GLU A 163 21.28 8.48 -2.88
C GLU A 163 20.67 8.27 -1.51
N ASP A 164 20.93 7.10 -0.91
CA ASP A 164 20.34 6.76 0.39
C ASP A 164 20.81 7.66 1.56
N ILE A 165 22.12 7.84 1.67
CA ILE A 165 22.68 8.53 2.83
C ILE A 165 23.98 9.25 2.46
N ILE A 166 24.08 10.49 2.95
CA ILE A 166 25.32 11.28 2.93
C ILE A 166 25.91 11.19 4.33
N ASP A 167 27.17 10.75 4.39
CA ASP A 167 27.84 10.55 5.66
C ASP A 167 29.11 11.44 5.60
N THR A 168 30.21 10.92 5.09
CA THR A 168 31.39 11.77 4.90
C THR A 168 31.23 12.71 3.71
N GLY A 169 30.33 12.35 2.78
CA GLY A 169 30.21 13.09 1.52
C GLY A 169 31.18 12.66 0.45
N LYS A 170 32.07 11.71 0.76
CA LYS A 170 33.10 11.24 -0.22
C LYS A 170 32.52 10.59 -1.49
N THR A 171 31.52 9.72 -1.31
CA THR A 171 30.86 9.02 -2.42
C THR A 171 30.35 10.00 -3.45
N LEU A 172 29.70 11.06 -2.97
CA LEU A 172 29.03 12.01 -3.86
C LEU A 172 29.99 12.99 -4.51
N VAL A 173 31.02 13.41 -3.78
CA VAL A 173 32.05 14.23 -4.43
C VAL A 173 32.79 13.40 -5.50
N LYS A 174 33.16 12.17 -5.20
CA LYS A 174 33.90 11.37 -6.18
C LYS A 174 32.97 11.02 -7.36
N PHE A 175 31.70 10.78 -7.05
CA PHE A 175 30.76 10.42 -8.13
C PHE A 175 30.47 11.58 -9.06
N CYS A 176 30.25 12.77 -8.50
CA CYS A 176 30.02 13.97 -9.33
C CYS A 176 31.23 14.29 -10.21
N GLU A 177 32.42 14.08 -9.67
CA GLU A 177 33.64 14.12 -10.49
C GLU A 177 33.60 13.14 -11.70
N TYR A 178 33.20 11.88 -11.47
CA TYR A 178 33.12 10.90 -12.55
C TYR A 178 32.12 11.33 -13.65
N LEU A 179 31.04 11.99 -13.25
CA LEU A 179 29.99 12.41 -14.17
C LEU A 179 30.41 13.52 -15.14
N LYS A 180 31.45 14.26 -14.77
CA LYS A 180 31.88 15.40 -15.60
C LYS A 180 32.14 15.05 -17.06
N LYS A 181 32.76 13.89 -17.30
CA LYS A 181 33.09 13.48 -18.65
C LYS A 181 31.89 13.30 -19.58
N PHE A 182 30.69 13.14 -19.01
CA PHE A 182 29.51 12.87 -19.83
C PHE A 182 28.80 14.11 -20.36
N GLU A 183 29.28 15.30 -19.98
CA GLU A 183 28.72 16.61 -20.40
C GLU A 183 27.21 16.70 -20.17
N ILE A 184 26.85 16.45 -18.92
CA ILE A 184 25.49 16.51 -18.49
C ILE A 184 25.07 17.97 -18.35
N LYS A 185 23.79 18.26 -18.55
CA LYS A 185 23.30 19.64 -18.53
C LYS A 185 23.18 20.19 -17.11
N THR A 186 22.48 19.50 -16.22
CA THR A 186 22.47 19.86 -14.80
C THR A 186 22.64 18.59 -13.96
N VAL A 187 23.21 18.72 -12.76
CA VAL A 187 23.26 17.63 -11.80
C VAL A 187 22.65 18.17 -10.51
N ALA A 188 21.53 17.56 -10.10
CA ALA A 188 20.88 17.84 -8.82
C ALA A 188 20.99 16.59 -7.95
N ILE A 189 20.93 16.74 -6.62
CA ILE A 189 21.00 15.56 -5.74
C ILE A 189 19.78 15.39 -4.84
N ALA A 190 19.23 14.18 -4.77
CA ALA A 190 18.23 13.91 -3.74
C ALA A 190 18.83 12.86 -2.78
N CYS A 191 18.70 13.09 -1.49
CA CYS A 191 19.26 12.19 -0.49
C CYS A 191 18.23 11.89 0.62
N LEU A 192 18.08 10.62 1.02
CA LEU A 192 17.10 10.31 2.03
C LEU A 192 17.58 10.78 3.41
N PHE A 193 18.79 10.36 3.79
CA PHE A 193 19.36 10.73 5.10
C PHE A 193 20.68 11.51 4.96
N ILE A 194 20.86 12.50 5.82
CA ILE A 194 22.16 13.10 5.98
C ILE A 194 22.56 12.95 7.46
N LYS A 195 23.73 12.40 7.71
CA LYS A 195 24.16 12.15 9.08
C LYS A 195 24.96 13.33 9.61
N ARG A 196 24.75 13.69 10.88
CA ARG A 196 25.47 14.84 11.42
C ARG A 196 26.82 14.36 11.92
N THR A 197 27.66 13.94 11.00
CA THR A 197 29.02 13.51 11.34
C THR A 197 30.05 14.66 11.22
N PRO A 198 30.96 14.77 12.21
CA PRO A 198 32.01 15.79 12.18
C PRO A 198 32.99 15.60 11.01
N LEU A 199 32.91 14.45 10.35
CA LEU A 199 33.77 14.13 9.24
C LEU A 199 33.14 14.56 7.89
N TRP A 200 31.93 15.12 7.93
CA TRP A 200 31.27 15.56 6.69
C TRP A 200 32.08 16.60 5.92
N ASN A 201 32.30 16.37 4.62
CA ASN A 201 33.07 17.31 3.80
C ASN A 201 32.26 18.51 3.30
N GLY A 202 30.98 18.55 3.66
CA GLY A 202 30.15 19.70 3.36
C GLY A 202 29.31 19.57 2.07
N PHE A 203 29.34 18.41 1.43
CA PHE A 203 28.54 18.17 0.23
C PHE A 203 27.05 18.13 0.67
N LYS A 204 26.22 19.02 0.12
CA LYS A 204 24.82 19.15 0.50
C LYS A 204 23.96 18.76 -0.67
N ALA A 205 22.82 18.12 -0.35
CA ALA A 205 21.83 17.73 -1.34
C ALA A 205 20.83 18.85 -1.66
N ASP A 206 20.16 18.74 -2.81
CA ASP A 206 19.12 19.70 -3.19
C ASP A 206 17.73 19.34 -2.63
N PHE A 207 17.50 18.05 -2.34
CA PHE A 207 16.29 17.60 -1.68
C PHE A 207 16.77 16.59 -0.64
N VAL A 208 16.45 16.82 0.61
CA VAL A 208 16.91 15.92 1.67
C VAL A 208 15.75 15.55 2.62
N GLY A 209 15.68 14.26 2.96
CA GLY A 209 14.55 13.72 3.77
C GLY A 209 14.72 14.04 5.24
N PHE A 210 15.80 13.52 5.83
CA PHE A 210 16.02 13.55 7.29
C PHE A 210 17.45 13.89 7.66
N SER A 211 17.63 14.65 8.74
CA SER A 211 18.97 14.82 9.33
C SER A 211 19.05 13.89 10.52
N ILE A 212 20.04 13.00 10.54
CA ILE A 212 20.10 12.01 11.62
C ILE A 212 21.40 12.11 12.44
N PRO A 213 21.41 11.56 13.67
CA PRO A 213 22.65 11.62 14.44
C PRO A 213 23.76 10.70 13.89
N ASP A 214 25.01 10.92 14.33
CA ASP A 214 26.18 10.15 13.86
C ASP A 214 26.25 8.76 14.50
N HIS A 215 25.40 7.84 14.02
CA HIS A 215 25.39 6.45 14.45
C HIS A 215 25.15 5.65 13.20
N PHE A 216 25.71 4.44 13.14
CA PHE A 216 25.53 3.55 12.01
C PHE A 216 24.12 2.98 11.98
N VAL A 217 23.38 3.37 10.95
CA VAL A 217 22.00 2.94 10.81
C VAL A 217 21.80 1.85 9.77
N VAL A 218 20.75 1.05 9.96
CA VAL A 218 20.41 -0.04 9.04
C VAL A 218 18.90 -0.05 8.80
N GLY A 219 18.48 -0.69 7.71
CA GLY A 219 17.09 -0.87 7.39
C GLY A 219 16.77 0.00 6.21
N TYR A 220 15.56 -0.17 5.67
CA TYR A 220 15.15 0.62 4.50
C TYR A 220 16.25 0.58 3.39
N SER A 221 16.75 -0.62 3.09
CA SER A 221 17.87 -0.85 2.14
C SER A 221 19.28 -0.55 2.61
N LEU A 222 19.44 0.10 3.75
CA LEU A 222 20.77 0.40 4.24
C LEU A 222 21.24 -0.83 4.99
N ASP A 223 22.49 -1.26 4.71
CA ASP A 223 23.01 -2.50 5.25
C ASP A 223 24.17 -2.30 6.19
N TYR A 224 24.45 -3.34 6.96
CA TYR A 224 25.75 -3.49 7.59
C TYR A 224 26.31 -4.77 6.97
N ASN A 225 27.32 -4.64 6.11
CA ASN A 225 27.91 -5.82 5.43
C ASN A 225 26.88 -6.73 4.75
N GLU A 226 25.96 -6.13 3.97
CA GLU A 226 24.88 -6.84 3.24
C GLU A 226 23.69 -7.30 4.09
N ILE A 227 23.82 -7.21 5.42
CA ILE A 227 22.75 -7.59 6.35
C ILE A 227 21.81 -6.39 6.66
N PHE A 228 20.53 -6.68 6.93
CA PHE A 228 19.52 -5.73 7.41
C PHE A 228 18.81 -4.93 6.32
N ARG A 229 19.10 -5.17 5.05
CA ARG A 229 18.43 -4.34 4.01
C ARG A 229 16.93 -4.51 4.03
N ASP A 230 16.47 -5.70 4.43
CA ASP A 230 15.04 -6.04 4.44
C ASP A 230 14.30 -5.48 5.68
N LEU A 231 15.04 -5.04 6.70
CA LEU A 231 14.44 -4.38 7.86
C LEU A 231 13.66 -3.15 7.39
N ASP A 232 12.37 -3.06 7.75
CA ASP A 232 11.53 -1.97 7.24
C ASP A 232 11.80 -0.58 7.84
N HIS A 233 12.27 -0.57 9.08
CA HIS A 233 12.50 0.67 9.77
C HIS A 233 13.99 0.99 9.80
N CYS A 234 14.32 2.28 9.78
CA CYS A 234 15.68 2.73 10.06
C CYS A 234 16.00 2.53 11.55
N CYS A 235 16.96 1.65 11.82
CA CYS A 235 17.35 1.34 13.21
C CYS A 235 18.85 1.45 13.38
N LEU A 236 19.31 1.46 14.63
CA LEU A 236 20.75 1.49 14.92
C LEU A 236 21.20 0.08 15.18
N VAL A 237 22.24 -0.40 14.49
CA VAL A 237 22.80 -1.71 14.80
C VAL A 237 23.64 -1.62 16.10
N ASN A 238 23.50 -2.59 16.99
CA ASN A 238 24.24 -2.54 18.25
C ASN A 238 25.60 -3.18 18.10
N ASP A 239 26.36 -3.16 19.18
CA ASP A 239 27.71 -3.68 19.16
C ASP A 239 27.74 -5.18 18.84
N GLU A 240 26.78 -5.92 19.37
CA GLU A 240 26.72 -7.36 19.12
C GLU A 240 26.45 -7.66 17.65
N GLY A 241 25.59 -6.84 17.03
CA GLY A 241 25.34 -6.97 15.59
C GLY A 241 26.58 -6.66 14.77
N LYS A 242 27.28 -5.59 15.12
CA LYS A 242 28.50 -5.23 14.40
C LYS A 242 29.55 -6.34 14.50
N LYS A 243 29.63 -6.96 15.67
CA LYS A 243 30.54 -8.06 15.90
C LYS A 243 30.11 -9.31 15.11
N LYS A 244 28.85 -9.71 15.24
CA LYS A 244 28.30 -10.90 14.56
C LYS A 244 28.49 -10.84 13.02
N TYR A 245 28.29 -9.66 12.45
CA TYR A 245 28.27 -9.52 10.99
C TYR A 245 29.50 -8.81 10.43
N LYS A 246 30.54 -8.74 11.26
CA LYS A 246 31.84 -8.17 10.90
C LYS A 246 32.36 -8.87 9.66
N ALA A 247 32.95 -8.13 8.72
CA ALA A 247 33.37 -8.72 7.45
C ALA A 247 34.62 -9.57 7.63
N VAL B 14 5.40 -34.58 -1.82
CA VAL B 14 6.75 -35.25 -1.86
C VAL B 14 7.67 -34.54 -0.86
N PRO B 15 8.06 -35.22 0.24
CA PRO B 15 8.74 -34.50 1.32
C PRO B 15 10.18 -34.10 0.98
N ARG B 16 10.73 -33.16 1.76
CA ARG B 16 12.03 -32.58 1.48
C ARG B 16 13.19 -33.59 1.60
N GLY B 17 13.00 -34.70 2.34
CA GLY B 17 14.07 -35.71 2.46
C GLY B 17 14.09 -36.69 1.30
N SER B 18 13.07 -36.57 0.44
CA SER B 18 12.90 -37.45 -0.69
C SER B 18 13.30 -36.77 -2.00
N HIS B 19 13.12 -35.46 -2.08
CA HIS B 19 13.52 -34.74 -3.28
C HIS B 19 13.85 -33.31 -2.87
N MET B 20 15.07 -32.88 -3.20
CA MET B 20 15.49 -31.50 -2.90
C MET B 20 14.79 -30.49 -3.79
N PRO B 21 14.09 -29.53 -3.16
CA PRO B 21 13.15 -28.65 -3.86
C PRO B 21 13.82 -27.54 -4.65
N ILE B 22 15.03 -27.13 -4.28
CA ILE B 22 15.65 -25.99 -4.97
C ILE B 22 15.94 -26.34 -6.43
N PRO B 23 15.37 -25.57 -7.39
CA PRO B 23 15.59 -26.01 -8.77
C PRO B 23 17.06 -25.82 -9.17
N ASN B 24 17.57 -26.69 -10.02
CA ASN B 24 18.90 -26.49 -10.59
C ASN B 24 19.05 -27.03 -11.99
N ASN B 25 18.14 -26.65 -12.86
CA ASN B 25 18.28 -27.00 -14.25
C ASN B 25 17.71 -25.84 -15.05
N PRO B 26 18.47 -24.73 -15.09
CA PRO B 26 17.99 -23.46 -15.64
C PRO B 26 17.57 -23.58 -17.10
N GLY B 27 16.35 -23.14 -17.41
CA GLY B 27 15.79 -23.28 -18.76
C GLY B 27 14.82 -24.42 -18.90
N ALA B 28 14.89 -25.37 -17.96
CA ALA B 28 14.01 -26.55 -17.99
C ALA B 28 12.67 -26.38 -17.26
N GLY B 29 12.60 -25.48 -16.28
CA GLY B 29 11.38 -25.29 -15.47
C GLY B 29 10.83 -26.62 -14.97
N GLU B 30 11.73 -27.47 -14.48
CA GLU B 30 11.40 -28.88 -14.15
C GLU B 30 10.14 -29.10 -13.30
N ASN B 31 9.96 -28.32 -12.25
CA ASN B 31 8.81 -28.51 -11.37
C ASN B 31 7.97 -27.24 -11.22
N ALA B 32 7.95 -26.39 -12.25
CA ALA B 32 7.26 -25.10 -12.18
C ALA B 32 5.73 -25.23 -12.08
N PHE B 33 5.08 -24.38 -11.29
CA PHE B 33 3.62 -24.26 -11.35
C PHE B 33 3.28 -23.57 -12.67
N ASP B 34 2.14 -23.92 -13.27
CA ASP B 34 1.66 -23.20 -14.46
C ASP B 34 1.45 -21.72 -14.13
N PRO B 35 1.68 -20.83 -15.09
CA PRO B 35 1.34 -19.44 -14.89
C PRO B 35 -0.17 -19.21 -15.03
N VAL B 36 -0.61 -18.03 -14.61
CA VAL B 36 -1.93 -17.56 -14.97
C VAL B 36 -1.97 -17.37 -16.50
N PHE B 37 -2.97 -17.93 -17.15
CA PHE B 37 -3.02 -17.88 -18.60
C PHE B 37 -3.87 -16.67 -18.97
N VAL B 38 -3.35 -15.81 -19.83
CA VAL B 38 -4.06 -14.64 -20.26
C VAL B 38 -4.37 -14.87 -21.74
N ASN B 39 -5.65 -14.89 -22.10
CA ASN B 39 -5.99 -15.18 -23.51
C ASN B 39 -5.83 -13.96 -24.42
N ASP B 40 -5.62 -14.20 -25.72
CA ASP B 40 -5.45 -13.14 -26.72
C ASP B 40 -6.57 -12.10 -26.70
N ASP B 41 -7.80 -12.53 -26.42
CA ASP B 41 -8.92 -11.57 -26.40
C ASP B 41 -9.22 -11.02 -25.00
N ASP B 42 -8.40 -11.38 -24.01
CA ASP B 42 -8.58 -10.89 -22.64
C ASP B 42 -8.19 -9.41 -22.53
N GLY B 43 -8.78 -8.70 -21.57
CA GLY B 43 -8.34 -7.34 -21.33
C GLY B 43 -9.47 -6.39 -21.10
N TYR B 44 -9.13 -5.11 -21.08
CA TYR B 44 -10.02 -4.06 -20.59
C TYR B 44 -9.83 -2.82 -21.44
N ASP B 45 -10.93 -2.11 -21.68
CA ASP B 45 -10.91 -0.76 -22.25
C ASP B 45 -10.10 0.20 -21.40
N LEU B 46 -9.57 1.23 -22.05
CA LEU B 46 -8.73 2.21 -21.36
C LEU B 46 -9.48 3.07 -20.32
N ASP B 47 -10.78 3.19 -20.45
CA ASP B 47 -11.56 3.92 -19.44
C ASP B 47 -11.94 3.11 -18.22
N SER B 48 -11.49 1.85 -18.17
CA SER B 48 -11.80 0.97 -17.05
C SER B 48 -10.95 1.23 -15.82
N PHE B 49 -9.73 1.68 -16.04
CA PHE B 49 -8.78 1.90 -14.95
C PHE B 49 -8.13 3.24 -15.16
N MET B 50 -7.34 3.67 -14.19
CA MET B 50 -6.55 4.91 -14.33
C MET B 50 -5.40 4.70 -15.32
N ILE B 51 -5.36 5.55 -16.33
CA ILE B 51 -4.28 5.56 -17.31
C ILE B 51 -3.87 7.04 -17.40
N PRO B 52 -2.56 7.33 -17.34
CA PRO B 52 -2.02 8.68 -17.54
C PRO B 52 -2.56 9.28 -18.85
N ALA B 53 -3.16 10.47 -18.79
CA ALA B 53 -4.00 10.97 -19.91
C ALA B 53 -3.23 10.99 -21.24
N HIS B 54 -1.95 11.31 -21.16
CA HIS B 54 -1.09 11.45 -22.33
C HIS B 54 -0.68 10.12 -22.98
N TYR B 55 -0.77 9.00 -22.23
CA TYR B 55 -0.48 7.67 -22.77
C TYR B 55 -1.63 7.06 -23.58
N LYS B 56 -2.84 7.50 -23.29
CA LYS B 56 -4.04 6.79 -23.80
C LYS B 56 -4.09 6.72 -25.31
N LYS B 57 -3.64 7.78 -25.98
CA LYS B 57 -3.60 7.77 -27.46
C LYS B 57 -2.65 6.72 -28.01
N TYR B 58 -1.72 6.21 -27.19
CA TYR B 58 -0.69 5.31 -27.70
C TYR B 58 -0.86 3.86 -27.25
N LEU B 59 -1.97 3.57 -26.59
CA LEU B 59 -2.24 2.23 -26.05
C LEU B 59 -3.49 1.66 -26.67
N THR B 60 -3.54 0.33 -26.83
CA THR B 60 -4.72 -0.28 -27.40
C THR B 60 -5.72 -0.80 -26.35
N LYS B 61 -5.24 -1.44 -25.27
CA LYS B 61 -6.10 -1.93 -24.20
C LYS B 61 -5.21 -2.20 -22.99
N VAL B 62 -5.84 -2.42 -21.84
CA VAL B 62 -5.12 -2.95 -20.67
C VAL B 62 -5.20 -4.44 -20.76
N LEU B 63 -4.04 -5.10 -20.68
CA LEU B 63 -3.98 -6.55 -20.72
C LEU B 63 -4.01 -7.15 -19.31
N VAL B 64 -3.12 -6.69 -18.44
CA VAL B 64 -3.11 -7.16 -17.06
C VAL B 64 -3.05 -5.94 -16.12
N PRO B 65 -4.12 -5.71 -15.35
CA PRO B 65 -4.11 -4.60 -14.41
C PRO B 65 -3.03 -4.74 -13.31
N ASN B 66 -2.52 -3.60 -12.88
CA ASN B 66 -1.52 -3.46 -11.82
C ASN B 66 -1.80 -4.37 -10.63
N GLY B 67 -3.03 -4.32 -10.12
CA GLY B 67 -3.33 -5.01 -8.87
C GLY B 67 -3.31 -6.52 -9.05
N VAL B 68 -3.69 -6.98 -10.23
CA VAL B 68 -3.59 -8.41 -10.55
C VAL B 68 -2.14 -8.89 -10.51
N ILE B 69 -1.26 -8.07 -11.10
CA ILE B 69 0.19 -8.36 -11.15
C ILE B 69 0.73 -8.48 -9.73
N LYS B 70 0.33 -7.53 -8.87
CA LYS B 70 0.86 -7.46 -7.49
C LYS B 70 0.42 -8.67 -6.69
N ASN B 71 -0.87 -9.00 -6.80
CA ASN B 71 -1.42 -10.18 -6.14
C ASN B 71 -0.77 -11.47 -6.63
N ARG B 72 -0.54 -11.58 -7.94
CA ARG B 72 0.18 -12.72 -8.51
C ARG B 72 1.58 -12.82 -7.92
N ILE B 73 2.27 -11.69 -7.85
CA ILE B 73 3.66 -11.64 -7.36
C ILE B 73 3.71 -12.06 -5.87
N GLU B 74 2.71 -11.68 -5.10
CA GLU B 74 2.64 -12.19 -3.71
C GLU B 74 2.62 -13.72 -3.67
N LYS B 75 1.87 -14.35 -4.57
CA LYS B 75 1.81 -15.83 -4.61
C LYS B 75 3.16 -16.42 -5.09
N LEU B 76 3.83 -15.75 -6.02
CA LEU B 76 5.15 -16.21 -6.44
C LEU B 76 6.12 -16.17 -5.26
N ALA B 77 6.10 -15.07 -4.52
CA ALA B 77 6.92 -14.95 -3.30
C ALA B 77 6.63 -16.12 -2.38
N TYR B 78 5.35 -16.39 -2.13
CA TYR B 78 4.99 -17.54 -1.32
C TYR B 78 5.61 -18.86 -1.86
N ASP B 79 5.44 -19.10 -3.16
CA ASP B 79 5.97 -20.32 -3.80
C ASP B 79 7.49 -20.39 -3.62
N ILE B 80 8.16 -19.24 -3.76
CA ILE B 80 9.62 -19.21 -3.68
C ILE B 80 10.03 -19.52 -2.21
N LYS B 81 9.36 -18.91 -1.25
CA LYS B 81 9.65 -19.18 0.16
C LYS B 81 9.44 -20.67 0.50
N LYS B 82 8.37 -21.28 -0.03
CA LYS B 82 8.11 -22.70 0.21
C LYS B 82 9.21 -23.59 -0.36
N VAL B 83 9.74 -23.21 -1.52
CA VAL B 83 10.90 -23.90 -2.10
C VAL B 83 12.18 -23.80 -1.31
N TYR B 84 12.63 -22.57 -1.01
CA TYR B 84 13.93 -22.36 -0.37
C TYR B 84 13.91 -22.61 1.13
N ASN B 85 12.72 -22.48 1.69
CA ASN B 85 12.48 -22.66 3.11
C ASN B 85 13.35 -21.67 3.90
N ASN B 86 14.37 -22.16 4.61
CA ASN B 86 15.29 -21.28 5.33
C ASN B 86 16.69 -21.19 4.72
N GLU B 87 16.89 -21.78 3.55
CA GLU B 87 18.21 -21.72 2.93
C GLU B 87 18.46 -20.35 2.26
N GLU B 88 19.61 -19.76 2.59
CA GLU B 88 20.09 -18.50 1.99
C GLU B 88 20.11 -18.60 0.49
N PHE B 89 19.48 -17.64 -0.19
CA PHE B 89 19.71 -17.51 -1.61
C PHE B 89 19.95 -16.06 -2.04
N HIS B 90 20.36 -15.87 -3.29
CA HIS B 90 20.77 -14.57 -3.76
C HIS B 90 19.97 -14.18 -4.98
N ILE B 91 19.26 -13.07 -4.88
CA ILE B 91 18.35 -12.69 -5.92
C ILE B 91 19.10 -11.74 -6.86
N LEU B 92 18.97 -12.00 -8.16
CA LEU B 92 19.69 -11.25 -9.14
C LEU B 92 18.67 -10.57 -10.06
N CYS B 93 18.63 -9.24 -9.98
CA CYS B 93 17.62 -8.46 -10.67
C CYS B 93 18.17 -7.99 -12.01
N LEU B 94 17.49 -8.38 -13.09
CA LEU B 94 17.92 -7.98 -14.43
C LEU B 94 17.36 -6.63 -14.83
N LEU B 95 18.16 -5.59 -14.66
CA LEU B 95 17.80 -4.19 -14.97
C LEU B 95 17.74 -3.93 -16.50
N LYS B 96 16.92 -2.97 -16.95
CA LYS B 96 16.07 -2.12 -16.10
C LYS B 96 14.67 -2.70 -15.91
N GLY B 97 14.24 -3.57 -16.84
CA GLY B 97 12.84 -3.98 -16.96
C GLY B 97 12.27 -4.78 -15.80
N SER B 98 13.14 -5.41 -15.02
CA SER B 98 12.64 -6.21 -13.91
C SER B 98 12.39 -5.41 -12.61
N ARG B 99 12.65 -4.10 -12.61
CA ARG B 99 12.51 -3.28 -11.38
C ARG B 99 11.17 -3.46 -10.69
N GLY B 100 10.06 -3.21 -11.41
CA GLY B 100 8.72 -3.44 -10.86
C GLY B 100 8.55 -4.79 -10.18
N PHE B 101 8.87 -5.84 -10.93
CA PHE B 101 8.68 -7.20 -10.46
C PHE B 101 9.52 -7.42 -9.21
N PHE B 102 10.77 -7.02 -9.30
CA PHE B 102 11.76 -7.26 -8.23
C PHE B 102 11.35 -6.57 -6.94
N THR B 103 10.89 -5.33 -7.01
CA THR B 103 10.58 -4.61 -5.76
C THR B 103 9.30 -5.12 -5.10
N ALA B 104 8.31 -5.53 -5.90
CA ALA B 104 7.13 -6.18 -5.37
C ALA B 104 7.49 -7.54 -4.77
N LEU B 105 8.35 -8.29 -5.46
CA LEU B 105 8.80 -9.60 -5.00
C LEU B 105 9.55 -9.50 -3.67
N LEU B 106 10.42 -8.50 -3.53
CA LEU B 106 11.16 -8.31 -2.28
C LEU B 106 10.24 -7.96 -1.12
N LYS B 107 9.27 -7.08 -1.41
CA LYS B 107 8.32 -6.64 -0.40
C LYS B 107 7.56 -7.84 0.17
N HIS B 108 7.01 -8.67 -0.72
CA HIS B 108 6.22 -9.83 -0.29
C HIS B 108 7.07 -10.94 0.29
N LEU B 109 8.19 -11.28 -0.36
CA LEU B 109 9.10 -12.28 0.18
C LEU B 109 9.52 -11.94 1.62
N SER B 110 9.93 -10.69 1.84
CA SER B 110 10.36 -10.21 3.17
C SER B 110 9.25 -10.31 4.20
N ARG B 111 8.01 -9.99 3.82
CA ARG B 111 6.91 -10.10 4.77
C ARG B 111 6.57 -11.55 5.14
N ILE B 112 6.54 -12.41 4.14
CA ILE B 112 6.26 -13.82 4.35
C ILE B 112 7.35 -14.41 5.25
N HIS B 113 8.60 -14.14 4.92
CA HIS B 113 9.70 -14.70 5.71
C HIS B 113 9.70 -14.15 7.16
N ASN B 114 9.60 -12.84 7.28
CA ASN B 114 9.73 -12.18 8.57
C ASN B 114 8.51 -12.35 9.47
N TYR B 115 7.34 -12.58 8.88
CA TYR B 115 6.14 -12.94 9.67
C TYR B 115 6.28 -14.31 10.37
N SER B 116 6.92 -15.26 9.70
CA SER B 116 7.04 -16.58 10.29
C SER B 116 8.38 -16.76 11.05
N ALA B 117 9.24 -15.73 11.03
CA ALA B 117 10.55 -15.81 11.64
C ALA B 117 10.46 -15.86 13.14
N VAL B 118 11.36 -16.62 13.73
CA VAL B 118 11.45 -16.66 15.19
C VAL B 118 12.81 -16.15 15.60
N GLU B 119 13.09 -16.23 16.90
CA GLU B 119 14.29 -15.67 17.51
C GLU B 119 15.58 -16.21 16.85
N THR B 120 15.58 -17.48 16.51
CA THR B 120 16.78 -18.17 16.00
C THR B 120 16.86 -18.22 14.46
N SER B 121 15.89 -17.60 13.78
CA SER B 121 15.90 -17.54 12.32
C SER B 121 17.06 -16.69 11.82
N LYS B 122 17.21 -16.63 10.50
CA LYS B 122 18.30 -15.94 9.85
C LYS B 122 17.68 -15.19 8.67
N PRO B 123 18.42 -14.21 8.11
CA PRO B 123 17.97 -13.56 6.89
C PRO B 123 17.82 -14.60 5.77
N LEU B 124 16.94 -14.33 4.83
CA LEU B 124 16.69 -15.30 3.79
C LEU B 124 17.48 -15.04 2.51
N PHE B 125 17.66 -13.79 2.09
CA PHE B 125 18.24 -13.57 0.76
C PHE B 125 19.17 -12.39 0.69
N GLY B 126 20.12 -12.45 -0.25
CA GLY B 126 20.92 -11.31 -0.63
C GLY B 126 20.33 -10.75 -1.94
N GLU B 127 20.73 -9.54 -2.30
CA GLU B 127 20.22 -8.91 -3.54
C GLU B 127 21.38 -8.36 -4.34
N HIS B 128 21.28 -8.52 -5.67
CA HIS B 128 22.29 -8.14 -6.63
C HIS B 128 21.60 -7.67 -7.92
N TYR B 129 22.32 -6.85 -8.68
CA TYR B 129 21.76 -6.19 -9.84
C TYR B 129 22.71 -6.36 -11.02
N VAL B 130 22.15 -6.66 -12.19
CA VAL B 130 22.91 -6.71 -13.43
C VAL B 130 22.09 -5.99 -14.50
N ARG B 131 22.72 -5.11 -15.25
CA ARG B 131 22.06 -4.42 -16.35
C ARG B 131 22.37 -5.24 -17.59
N VAL B 132 21.31 -5.67 -18.25
CA VAL B 132 21.38 -6.45 -19.46
C VAL B 132 20.53 -5.68 -20.51
N LYS B 133 20.91 -5.73 -21.79
CA LYS B 133 20.20 -4.98 -22.83
C LYS B 133 20.28 -5.66 -24.22
N SER B 134 19.16 -5.72 -24.93
CA SER B 134 19.10 -6.42 -26.24
C SER B 134 18.01 -5.93 -27.20
N TYR B 135 17.01 -5.23 -26.67
CA TYR B 135 15.87 -4.79 -27.49
C TYR B 135 16.10 -3.46 -28.18
N CYS B 136 15.63 -3.36 -29.42
CA CYS B 136 15.50 -2.06 -30.05
C CYS B 136 14.11 -2.04 -30.68
N ASN B 137 13.33 -1.00 -30.35
CA ASN B 137 11.90 -0.93 -30.70
C ASN B 137 11.18 -2.15 -30.08
N ASP B 138 10.35 -2.82 -30.87
CA ASP B 138 9.65 -4.03 -30.38
C ASP B 138 10.31 -5.36 -30.75
N GLN B 139 11.61 -5.36 -30.97
CA GLN B 139 12.27 -6.59 -31.37
C GLN B 139 13.62 -6.78 -30.72
N SER B 140 13.94 -8.05 -30.45
CA SER B 140 15.25 -8.45 -29.93
C SER B 140 16.30 -8.27 -31.03
N THR B 141 17.44 -7.67 -30.68
CA THR B 141 18.52 -7.45 -31.66
C THR B 141 19.46 -8.65 -31.80
N GLY B 142 19.18 -9.72 -31.07
CA GLY B 142 19.99 -10.94 -31.16
C GLY B 142 21.41 -10.80 -30.61
N THR B 143 21.76 -9.61 -30.10
CA THR B 143 22.95 -9.46 -29.23
C THR B 143 22.52 -8.99 -27.84
N LEU B 144 23.33 -9.33 -26.83
CA LEU B 144 23.05 -9.01 -25.44
C LEU B 144 24.24 -8.25 -24.84
N GLU B 145 24.00 -7.00 -24.42
CA GLU B 145 24.97 -6.27 -23.63
C GLU B 145 24.80 -6.57 -22.12
N ILE B 146 25.91 -6.87 -21.42
CA ILE B 146 25.88 -7.16 -19.97
C ILE B 146 26.77 -6.22 -19.11
N VAL B 147 26.19 -5.57 -18.08
CA VAL B 147 26.92 -4.74 -17.07
C VAL B 147 26.61 -5.11 -15.59
N SER B 148 27.63 -5.43 -14.79
CA SER B 148 27.41 -5.66 -13.33
C SER B 148 28.66 -5.63 -12.44
N GLU B 149 28.44 -5.57 -11.12
CA GLU B 149 29.49 -5.85 -10.14
C GLU B 149 30.16 -7.20 -10.42
N ASP B 150 31.31 -7.44 -9.79
CA ASP B 150 31.96 -8.73 -9.90
C ASP B 150 31.03 -9.76 -9.26
N LEU B 151 30.65 -10.78 -10.01
CA LEU B 151 29.66 -11.74 -9.51
C LEU B 151 30.32 -12.95 -8.85
N SER B 152 31.63 -12.87 -8.66
CA SER B 152 32.35 -13.98 -8.05
C SER B 152 31.94 -14.15 -6.58
N CYS B 153 31.32 -13.14 -6.00
CA CYS B 153 30.64 -13.28 -4.70
C CYS B 153 29.45 -14.29 -4.74
N LEU B 154 29.10 -14.76 -5.94
CA LEU B 154 28.04 -15.76 -6.06
C LEU B 154 28.58 -17.19 -6.09
N LYS B 155 29.90 -17.33 -5.96
CA LYS B 155 30.49 -18.66 -6.04
C LYS B 155 29.90 -19.49 -4.90
N GLY B 156 29.50 -20.71 -5.23
CA GLY B 156 28.93 -21.66 -4.28
C GLY B 156 27.61 -21.24 -3.64
N LYS B 157 26.89 -20.30 -4.27
CA LYS B 157 25.63 -19.80 -3.70
C LYS B 157 24.44 -20.26 -4.56
N HIS B 158 23.25 -20.29 -3.93
CA HIS B 158 21.97 -20.49 -4.65
C HIS B 158 21.55 -19.14 -5.20
N VAL B 159 21.30 -19.09 -6.51
CA VAL B 159 20.86 -17.83 -7.10
C VAL B 159 19.54 -17.95 -7.81
N LEU B 160 18.74 -16.92 -7.60
CA LEU B 160 17.47 -16.77 -8.28
C LEU B 160 17.52 -15.52 -9.17
N ILE B 161 17.53 -15.75 -10.47
CA ILE B 161 17.42 -14.67 -11.46
C ILE B 161 15.96 -14.18 -11.50
N VAL B 162 15.76 -12.87 -11.42
CA VAL B 162 14.44 -12.25 -11.48
C VAL B 162 14.35 -11.47 -12.79
N GLU B 163 13.47 -11.91 -13.69
CA GLU B 163 13.40 -11.35 -15.04
C GLU B 163 11.98 -10.92 -15.35
N ASP B 164 11.83 -9.80 -16.02
CA ASP B 164 10.49 -9.29 -16.28
C ASP B 164 9.73 -10.20 -17.27
N ILE B 165 10.38 -10.53 -18.38
CA ILE B 165 9.67 -11.16 -19.47
C ILE B 165 10.57 -12.09 -20.29
N ILE B 166 10.07 -13.30 -20.52
CA ILE B 166 10.63 -14.25 -21.48
C ILE B 166 9.85 -14.14 -22.80
N ASP B 167 10.59 -13.99 -23.90
CA ASP B 167 9.97 -13.72 -25.20
C ASP B 167 10.64 -14.73 -26.13
N THR B 168 11.76 -14.38 -26.75
CA THR B 168 12.50 -15.37 -27.55
C THR B 168 13.24 -16.35 -26.63
N GLY B 169 13.56 -15.93 -25.41
CA GLY B 169 14.39 -16.75 -24.51
C GLY B 169 15.87 -16.56 -24.72
N LYS B 170 16.24 -15.60 -25.59
CA LYS B 170 17.65 -15.33 -25.90
C LYS B 170 18.47 -14.67 -24.79
N THR B 171 17.88 -13.69 -24.10
CA THR B 171 18.52 -13.01 -22.98
C THR B 171 18.91 -14.03 -21.92
N LEU B 172 17.99 -14.93 -21.59
CA LEU B 172 18.23 -15.87 -20.50
C LEU B 172 19.15 -17.02 -20.83
N VAL B 173 19.08 -17.54 -22.06
CA VAL B 173 20.06 -18.58 -22.45
C VAL B 173 21.48 -18.00 -22.43
N LYS B 174 21.63 -16.81 -22.99
CA LYS B 174 22.94 -16.14 -23.02
C LYS B 174 23.37 -15.72 -21.60
N PHE B 175 22.42 -15.27 -20.79
CA PHE B 175 22.79 -14.85 -19.44
C PHE B 175 23.25 -16.03 -18.56
N CYS B 176 22.53 -17.14 -18.63
CA CYS B 176 22.88 -18.33 -17.86
C CYS B 176 24.23 -18.89 -18.30
N GLU B 177 24.48 -18.85 -19.59
CA GLU B 177 25.78 -19.26 -20.11
C GLU B 177 26.90 -18.37 -19.52
N TYR B 178 26.69 -17.06 -19.46
CA TYR B 178 27.67 -16.12 -18.89
C TYR B 178 27.95 -16.43 -17.40
N LEU B 179 26.90 -16.75 -16.65
CA LEU B 179 26.99 -17.07 -15.24
C LEU B 179 27.88 -18.27 -14.90
N LYS B 180 28.02 -19.17 -15.86
CA LYS B 180 28.78 -20.41 -15.66
C LYS B 180 30.18 -20.19 -15.11
N LYS B 181 30.86 -19.14 -15.59
CA LYS B 181 32.21 -18.85 -15.12
C LYS B 181 32.31 -18.60 -13.61
N PHE B 182 31.18 -18.28 -12.96
CA PHE B 182 31.23 -17.90 -11.54
C PHE B 182 31.08 -19.04 -10.52
N GLU B 183 30.96 -20.30 -10.99
CA GLU B 183 30.86 -21.50 -10.12
C GLU B 183 29.75 -21.40 -9.06
N ILE B 184 28.59 -20.93 -9.52
CA ILE B 184 27.42 -20.78 -8.68
C ILE B 184 26.89 -22.18 -8.34
N LYS B 185 26.28 -22.33 -7.16
CA LYS B 185 25.77 -23.62 -6.70
C LYS B 185 24.49 -24.08 -7.42
N THR B 186 23.48 -23.21 -7.46
CA THR B 186 22.28 -23.47 -8.27
C THR B 186 21.82 -22.19 -8.94
N VAL B 187 21.16 -22.36 -10.07
CA VAL B 187 20.57 -21.22 -10.76
C VAL B 187 19.11 -21.57 -10.99
N ALA B 188 18.21 -20.79 -10.39
CA ALA B 188 16.76 -20.87 -10.62
C ALA B 188 16.28 -19.58 -11.29
N ILE B 189 15.14 -19.63 -11.99
CA ILE B 189 14.67 -18.42 -12.69
C ILE B 189 13.25 -18.08 -12.25
N ALA B 190 13.03 -16.83 -11.86
CA ALA B 190 11.66 -16.32 -11.70
C ALA B 190 11.40 -15.30 -12.82
N CYS B 191 10.22 -15.38 -13.43
CA CYS B 191 9.92 -14.51 -14.55
C CYS B 191 8.44 -14.07 -14.41
N LEU B 192 8.16 -12.77 -14.59
CA LEU B 192 6.80 -12.30 -14.38
C LEU B 192 5.90 -12.65 -15.56
N PHE B 193 6.37 -12.38 -16.78
CA PHE B 193 5.57 -12.71 -17.97
C PHE B 193 6.30 -13.71 -18.89
N ILE B 194 5.58 -14.66 -19.47
CA ILE B 194 6.14 -15.39 -20.60
C ILE B 194 5.19 -15.20 -21.80
N LYS B 195 5.74 -14.77 -22.93
CA LYS B 195 4.92 -14.49 -24.10
C LYS B 195 4.87 -15.72 -25.02
N ARG B 196 3.69 -16.03 -25.52
CA ARG B 196 3.48 -17.19 -26.39
C ARG B 196 3.90 -16.86 -27.83
N THR B 197 5.20 -16.63 -28.00
CA THR B 197 5.75 -16.30 -29.29
C THR B 197 6.27 -17.58 -29.98
N PRO B 198 5.96 -17.74 -31.29
CA PRO B 198 6.52 -18.89 -32.01
C PRO B 198 8.05 -18.84 -32.13
N LEU B 199 8.64 -17.69 -31.77
CA LEU B 199 10.08 -17.53 -31.78
C LEU B 199 10.73 -18.08 -30.50
N TRP B 200 9.92 -18.53 -29.55
CA TRP B 200 10.47 -18.97 -28.25
C TRP B 200 11.40 -20.18 -28.36
N ASN B 201 12.62 -20.06 -27.82
CA ASN B 201 13.61 -21.13 -27.88
C ASN B 201 13.39 -22.23 -26.82
N GLY B 202 12.31 -22.15 -26.04
CA GLY B 202 12.01 -23.22 -25.05
C GLY B 202 12.59 -23.02 -23.65
N PHE B 203 13.26 -21.90 -23.44
CA PHE B 203 13.78 -21.58 -22.10
C PHE B 203 12.60 -21.31 -21.15
N LYS B 204 12.46 -22.14 -20.11
CA LYS B 204 11.36 -22.10 -19.17
C LYS B 204 11.85 -21.68 -17.80
N ALA B 205 11.05 -20.84 -17.14
CA ALA B 205 11.32 -20.39 -15.77
C ALA B 205 10.81 -21.38 -14.72
N ASP B 206 11.39 -21.30 -13.51
CA ASP B 206 10.98 -22.16 -12.42
C ASP B 206 9.75 -21.59 -11.65
N PHE B 207 9.58 -20.27 -11.69
CA PHE B 207 8.45 -19.59 -11.10
C PHE B 207 8.01 -18.58 -12.15
N VAL B 208 6.76 -18.64 -12.55
CA VAL B 208 6.31 -17.79 -13.64
C VAL B 208 4.92 -17.21 -13.31
N GLY B 209 4.77 -15.90 -13.53
CA GLY B 209 3.54 -15.19 -13.15
C GLY B 209 2.40 -15.42 -14.15
N PHE B 210 2.64 -15.00 -15.39
CA PHE B 210 1.56 -14.92 -16.41
C PHE B 210 2.03 -15.44 -17.77
N SER B 211 1.17 -16.17 -18.47
CA SER B 211 1.43 -16.46 -19.88
C SER B 211 0.61 -15.48 -20.72
N ILE B 212 1.26 -14.71 -21.59
CA ILE B 212 0.55 -13.68 -22.35
C ILE B 212 0.66 -13.91 -23.87
N PRO B 213 -0.27 -13.32 -24.66
CA PRO B 213 -0.21 -13.46 -26.11
C PRO B 213 0.98 -12.70 -26.73
N ASP B 214 1.29 -13.00 -27.99
CA ASP B 214 2.49 -12.45 -28.68
C ASP B 214 2.22 -11.05 -29.25
N HIS B 215 2.28 -10.05 -28.36
CA HIS B 215 2.05 -8.64 -28.65
C HIS B 215 3.03 -7.91 -27.76
N PHE B 216 3.53 -6.76 -28.22
CA PHE B 216 4.52 -6.01 -27.45
C PHE B 216 3.81 -5.28 -26.33
N VAL B 217 4.24 -5.57 -25.11
CA VAL B 217 3.59 -5.01 -23.96
C VAL B 217 4.45 -3.96 -23.29
N VAL B 218 3.78 -3.01 -22.64
CA VAL B 218 4.44 -1.94 -21.89
C VAL B 218 3.75 -1.76 -20.53
N GLY B 219 4.48 -1.16 -19.60
CA GLY B 219 3.94 -0.90 -18.29
C GLY B 219 4.60 -1.80 -17.28
N TYR B 220 4.43 -1.47 -16.00
CA TYR B 220 5.02 -2.24 -14.91
C TYR B 220 6.54 -2.40 -15.08
N SER B 221 7.22 -1.30 -15.40
CA SER B 221 8.67 -1.27 -15.70
C SER B 221 9.06 -1.70 -17.12
N LEU B 222 8.12 -2.28 -17.86
CA LEU B 222 8.41 -2.73 -19.22
C LEU B 222 8.23 -1.54 -20.15
N ASP B 223 9.19 -1.35 -21.04
CA ASP B 223 9.29 -0.13 -21.86
C ASP B 223 9.26 -0.41 -23.35
N TYR B 224 8.99 0.63 -24.13
CA TYR B 224 9.19 0.60 -25.56
C TYR B 224 10.18 1.73 -25.75
N ASN B 225 11.44 1.44 -26.05
CA ASN B 225 12.49 2.49 -26.14
C ASN B 225 12.49 3.51 -24.97
N GLU B 226 12.48 3.01 -23.73
CA GLU B 226 12.61 3.82 -22.48
C GLU B 226 11.30 4.50 -22.05
N ILE B 227 10.29 4.40 -22.90
CA ILE B 227 8.99 4.99 -22.64
C ILE B 227 8.02 3.96 -22.01
N PHE B 228 7.05 4.48 -21.24
CA PHE B 228 5.94 3.75 -20.57
C PHE B 228 6.30 2.94 -19.32
N ARG B 229 7.52 3.04 -18.80
CA ARG B 229 7.85 2.22 -17.60
C ARG B 229 6.98 2.56 -16.41
N ASP B 230 6.62 3.84 -16.32
CA ASP B 230 5.82 4.36 -15.23
C ASP B 230 4.31 4.02 -15.33
N LEU B 231 3.85 3.52 -16.49
CA LEU B 231 2.49 3.02 -16.63
C LEU B 231 2.27 1.88 -15.62
N ASP B 232 1.22 1.99 -14.82
CA ASP B 232 0.93 1.01 -13.74
C ASP B 232 0.46 -0.35 -14.19
N HIS B 233 -0.25 -0.39 -15.31
CA HIS B 233 -0.83 -1.61 -15.82
C HIS B 233 -0.05 -2.08 -17.03
N CYS B 234 -0.02 -3.38 -17.23
CA CYS B 234 0.52 -3.97 -18.44
C CYS B 234 -0.47 -3.77 -19.59
N CYS B 235 -0.05 -3.00 -20.60
CA CYS B 235 -0.92 -2.64 -21.71
C CYS B 235 -0.23 -2.94 -23.03
N LEU B 236 -1.03 -3.00 -24.11
CA LEU B 236 -0.44 -3.15 -25.45
C LEU B 236 -0.19 -1.79 -26.06
N VAL B 237 1.01 -1.55 -26.58
CA VAL B 237 1.29 -0.30 -27.26
C VAL B 237 0.70 -0.37 -28.69
N ASN B 238 0.09 0.70 -29.16
CA ASN B 238 -0.52 0.64 -30.49
C ASN B 238 0.46 1.06 -31.57
N ASP B 239 0.01 1.08 -32.82
CA ASP B 239 0.91 1.45 -33.88
C ASP B 239 1.37 2.92 -33.82
N GLU B 240 0.48 3.83 -33.45
CA GLU B 240 0.88 5.24 -33.26
C GLU B 240 1.99 5.40 -32.23
N GLY B 241 1.95 4.56 -31.19
CA GLY B 241 2.92 4.60 -30.13
C GLY B 241 4.25 4.12 -30.63
N LYS B 242 4.27 3.02 -31.37
CA LYS B 242 5.51 2.49 -31.90
C LYS B 242 6.12 3.48 -32.90
N LYS B 243 5.26 4.17 -33.64
CA LYS B 243 5.73 5.16 -34.61
C LYS B 243 6.33 6.38 -33.87
N LYS B 244 5.56 6.95 -32.95
CA LYS B 244 5.96 8.15 -32.21
C LYS B 244 7.26 7.97 -31.45
N TYR B 245 7.44 6.80 -30.83
CA TYR B 245 8.59 6.57 -29.95
C TYR B 245 9.65 5.66 -30.55
N LYS B 246 9.59 5.51 -31.87
CA LYS B 246 10.56 4.75 -32.67
C LYS B 246 11.98 5.21 -32.39
N ALA B 247 12.94 4.28 -32.35
CA ALA B 247 14.34 4.62 -32.02
C ALA B 247 15.05 5.41 -33.11
N PRO C 21 -24.05 16.42 -15.19
CA PRO C 21 -24.85 16.79 -14.02
C PRO C 21 -24.72 15.76 -12.89
N ILE C 22 -25.06 16.17 -11.68
CA ILE C 22 -25.06 15.23 -10.58
C ILE C 22 -26.28 14.31 -10.75
N PRO C 23 -26.08 12.97 -10.69
CA PRO C 23 -27.22 12.05 -10.84
C PRO C 23 -28.33 12.26 -9.80
N ASN C 24 -29.58 12.17 -10.25
CA ASN C 24 -30.70 12.29 -9.32
C ASN C 24 -31.96 11.61 -9.81
N ASN C 25 -31.81 10.32 -10.16
CA ASN C 25 -32.93 9.46 -10.54
C ASN C 25 -32.57 8.04 -10.10
N PRO C 26 -32.66 7.79 -8.79
CA PRO C 26 -32.14 6.57 -8.18
C PRO C 26 -32.72 5.31 -8.81
N GLY C 27 -31.85 4.42 -9.32
CA GLY C 27 -32.24 3.19 -9.97
C GLY C 27 -32.29 3.26 -11.49
N ALA C 28 -32.21 4.46 -12.03
CA ALA C 28 -32.22 4.65 -13.48
C ALA C 28 -30.84 4.61 -14.11
N GLY C 29 -29.78 4.89 -13.35
CA GLY C 29 -28.42 4.95 -13.88
C GLY C 29 -28.34 5.74 -15.18
N GLU C 30 -28.97 6.91 -15.19
CA GLU C 30 -29.22 7.64 -16.44
C GLU C 30 -27.99 7.91 -17.32
N ASN C 31 -26.89 8.29 -16.70
CA ASN C 31 -25.69 8.59 -17.49
C ASN C 31 -24.48 7.73 -17.13
N ALA C 32 -24.71 6.54 -16.58
CA ALA C 32 -23.62 5.69 -16.05
C ALA C 32 -22.67 5.13 -17.11
N PHE C 33 -21.37 5.15 -16.81
CA PHE C 33 -20.38 4.41 -17.62
C PHE C 33 -20.57 2.90 -17.43
N ASP C 34 -20.25 2.13 -18.47
CA ASP C 34 -20.28 0.67 -18.39
C ASP C 34 -19.39 0.17 -17.25
N PRO C 35 -19.78 -0.95 -16.64
CA PRO C 35 -18.87 -1.57 -15.67
C PRO C 35 -17.77 -2.34 -16.41
N VAL C 36 -16.79 -2.86 -15.68
CA VAL C 36 -15.92 -3.93 -16.22
C VAL C 36 -16.80 -5.20 -16.28
N PHE C 37 -16.79 -5.90 -17.43
CA PHE C 37 -17.54 -7.16 -17.54
C PHE C 37 -16.68 -8.34 -17.21
N VAL C 38 -17.17 -9.12 -16.27
CA VAL C 38 -16.58 -10.39 -15.93
C VAL C 38 -17.50 -11.44 -16.55
N ASN C 39 -16.98 -12.11 -17.57
CA ASN C 39 -17.72 -13.13 -18.31
C ASN C 39 -17.95 -14.38 -17.48
N ASP C 40 -18.91 -15.19 -17.94
CA ASP C 40 -19.35 -16.36 -17.18
C ASP C 40 -18.22 -17.37 -17.04
N ASP C 41 -17.27 -17.36 -17.97
CA ASP C 41 -16.14 -18.29 -17.92
C ASP C 41 -14.85 -17.65 -17.37
N ASP C 42 -14.97 -16.44 -16.83
CA ASP C 42 -13.79 -15.71 -16.35
C ASP C 42 -13.42 -16.18 -14.94
N GLY C 43 -12.21 -15.84 -14.51
CA GLY C 43 -11.81 -16.21 -13.15
C GLY C 43 -10.49 -16.91 -13.16
N TYR C 44 -10.10 -17.46 -12.01
CA TYR C 44 -8.72 -17.89 -11.81
C TYR C 44 -8.71 -19.04 -10.82
N ASP C 45 -7.79 -19.97 -11.03
CA ASP C 45 -7.50 -21.10 -10.15
C ASP C 45 -7.24 -20.60 -8.72
N LEU C 46 -7.61 -21.38 -7.73
CA LEU C 46 -7.35 -20.98 -6.33
C LEU C 46 -5.83 -20.99 -6.03
N ASP C 47 -5.05 -21.64 -6.87
CA ASP C 47 -3.61 -21.70 -6.67
C ASP C 47 -2.90 -20.48 -7.30
N SER C 48 -3.63 -19.68 -8.07
CA SER C 48 -3.07 -18.48 -8.69
C SER C 48 -2.65 -17.40 -7.72
N PHE C 49 -3.45 -17.21 -6.67
CA PHE C 49 -3.25 -16.12 -5.75
C PHE C 49 -3.14 -16.62 -4.31
N MET C 50 -2.81 -15.75 -3.38
CA MET C 50 -2.88 -16.06 -1.95
C MET C 50 -4.33 -16.25 -1.52
N ILE C 51 -4.62 -17.39 -0.92
CA ILE C 51 -5.97 -17.69 -0.36
C ILE C 51 -5.75 -18.29 1.05
N PRO C 52 -6.44 -17.77 2.09
CA PRO C 52 -6.23 -18.33 3.45
C PRO C 52 -6.50 -19.81 3.39
N ALA C 53 -5.65 -20.61 4.04
CA ALA C 53 -5.64 -22.03 3.77
C ALA C 53 -7.00 -22.72 4.04
N HIS C 54 -7.64 -22.35 5.14
CA HIS C 54 -8.89 -22.98 5.57
C HIS C 54 -10.09 -22.67 4.66
N TYR C 55 -10.01 -21.60 3.88
CA TYR C 55 -11.11 -21.23 2.99
C TYR C 55 -11.03 -21.99 1.69
N LYS C 56 -9.83 -22.41 1.29
CA LYS C 56 -9.68 -23.05 -0.04
C LYS C 56 -10.70 -24.15 -0.32
N LYS C 57 -10.96 -25.01 0.67
CA LYS C 57 -11.90 -26.13 0.44
C LYS C 57 -13.37 -25.69 0.22
N TYR C 58 -13.66 -24.41 0.48
CA TYR C 58 -15.02 -23.92 0.40
C TYR C 58 -15.26 -23.01 -0.81
N LEU C 59 -14.27 -22.91 -1.69
CA LEU C 59 -14.31 -21.97 -2.80
C LEU C 59 -14.17 -22.69 -4.11
N THR C 60 -14.86 -22.21 -5.13
CA THR C 60 -14.79 -22.78 -6.45
C THR C 60 -13.59 -22.21 -7.21
N LYS C 61 -13.51 -20.87 -7.26
CA LYS C 61 -12.50 -20.16 -8.03
C LYS C 61 -12.47 -18.74 -7.53
N VAL C 62 -11.42 -18.02 -7.91
CA VAL C 62 -11.39 -16.58 -7.75
C VAL C 62 -12.11 -15.95 -8.94
N LEU C 63 -12.92 -14.95 -8.68
CA LEU C 63 -13.58 -14.23 -9.76
C LEU C 63 -12.82 -12.93 -10.06
N VAL C 64 -12.67 -12.07 -9.06
CA VAL C 64 -11.91 -10.82 -9.21
C VAL C 64 -10.89 -10.73 -8.07
N PRO C 65 -9.57 -10.69 -8.38
CA PRO C 65 -8.54 -10.48 -7.35
C PRO C 65 -8.67 -9.11 -6.64
N ASN C 66 -8.21 -9.05 -5.39
CA ASN C 66 -8.17 -7.85 -4.59
C ASN C 66 -7.64 -6.61 -5.33
N GLY C 67 -6.49 -6.78 -5.98
CA GLY C 67 -5.80 -5.67 -6.59
C GLY C 67 -6.59 -5.05 -7.73
N VAL C 68 -7.27 -5.89 -8.51
CA VAL C 68 -8.08 -5.34 -9.62
C VAL C 68 -9.33 -4.64 -9.09
N ILE C 69 -9.87 -5.14 -8.00
CA ILE C 69 -11.00 -4.46 -7.34
C ILE C 69 -10.53 -3.05 -6.91
N LYS C 70 -9.39 -2.98 -6.23
CA LYS C 70 -8.82 -1.69 -5.85
C LYS C 70 -8.51 -0.76 -7.02
N ASN C 71 -8.03 -1.31 -8.13
CA ASN C 71 -7.73 -0.48 -9.30
C ASN C 71 -9.01 0.04 -9.91
N ARG C 72 -10.06 -0.79 -9.91
CA ARG C 72 -11.36 -0.35 -10.44
C ARG C 72 -11.95 0.73 -9.55
N ILE C 73 -11.79 0.59 -8.23
CA ILE C 73 -12.37 1.57 -7.30
C ILE C 73 -11.64 2.92 -7.45
N GLU C 74 -10.33 2.91 -7.75
CA GLU C 74 -9.63 4.14 -7.94
C GLU C 74 -10.31 4.90 -9.10
N LYS C 75 -10.56 4.20 -10.19
CA LYS C 75 -11.14 4.86 -11.37
C LYS C 75 -12.57 5.36 -11.04
N LEU C 76 -13.35 4.56 -10.32
CA LEU C 76 -14.67 5.02 -9.85
C LEU C 76 -14.60 6.33 -9.02
N ALA C 77 -13.65 6.41 -8.07
CA ALA C 77 -13.32 7.65 -7.36
C ALA C 77 -13.07 8.79 -8.30
N TYR C 78 -12.24 8.55 -9.29
CA TYR C 78 -11.98 9.53 -10.33
C TYR C 78 -13.28 9.97 -11.04
N ASP C 79 -14.08 9.01 -11.46
CA ASP C 79 -15.38 9.29 -12.11
C ASP C 79 -16.27 10.16 -11.23
N ILE C 80 -16.28 9.88 -9.93
CA ILE C 80 -17.11 10.60 -8.93
C ILE C 80 -16.57 12.03 -8.79
N LYS C 81 -15.26 12.16 -8.62
CA LYS C 81 -14.67 13.49 -8.53
C LYS C 81 -14.94 14.35 -9.80
N LYS C 82 -14.92 13.74 -10.98
CA LYS C 82 -15.23 14.42 -12.24
C LYS C 82 -16.71 14.93 -12.26
N VAL C 83 -17.65 14.18 -11.66
CA VAL C 83 -19.05 14.59 -11.62
C VAL C 83 -19.28 15.70 -10.58
N TYR C 84 -18.78 15.51 -9.37
CA TYR C 84 -19.12 16.41 -8.28
C TYR C 84 -18.24 17.64 -8.28
N ASN C 85 -17.07 17.50 -8.87
CA ASN C 85 -16.01 18.49 -8.82
C ASN C 85 -15.71 18.95 -7.41
N ASN C 86 -16.17 20.14 -7.05
CA ASN C 86 -15.98 20.67 -5.70
C ASN C 86 -17.28 20.83 -4.94
N GLU C 87 -18.39 20.41 -5.54
CA GLU C 87 -19.69 20.43 -4.88
C GLU C 87 -19.69 19.43 -3.70
N GLU C 88 -19.93 19.93 -2.50
CA GLU C 88 -19.99 19.10 -1.29
C GLU C 88 -21.05 18.01 -1.42
N PHE C 89 -20.69 16.78 -1.03
CA PHE C 89 -21.63 15.67 -1.01
C PHE C 89 -21.43 14.77 0.21
N HIS C 90 -22.42 13.94 0.48
CA HIS C 90 -22.37 13.09 1.66
C HIS C 90 -22.49 11.62 1.31
N ILE C 91 -21.53 10.84 1.80
CA ILE C 91 -21.37 9.46 1.34
C ILE C 91 -21.96 8.61 2.40
N LEU C 92 -22.86 7.72 1.97
CA LEU C 92 -23.58 6.91 2.91
C LEU C 92 -23.14 5.45 2.69
N CYS C 93 -22.46 4.89 3.70
CA CYS C 93 -21.90 3.54 3.61
C CYS C 93 -22.93 2.57 4.14
N LEU C 94 -23.41 1.63 3.32
CA LEU C 94 -24.37 0.60 3.78
C LEU C 94 -23.66 -0.58 4.47
N LEU C 95 -23.66 -0.62 5.79
CA LEU C 95 -22.96 -1.67 6.56
C LEU C 95 -23.75 -3.01 6.56
N LYS C 96 -23.06 -4.15 6.65
CA LYS C 96 -21.62 -4.26 6.83
C LYS C 96 -20.90 -4.50 5.49
N GLY C 97 -21.66 -4.96 4.50
CA GLY C 97 -21.07 -5.44 3.24
C GLY C 97 -20.25 -4.42 2.45
N SER C 98 -20.54 -3.13 2.65
CA SER C 98 -19.89 -2.06 1.87
C SER C 98 -18.56 -1.59 2.45
N ARG C 99 -18.14 -2.13 3.60
CA ARG C 99 -16.91 -1.64 4.25
C ARG C 99 -15.70 -1.58 3.32
N GLY C 100 -15.37 -2.70 2.68
CA GLY C 100 -14.19 -2.74 1.79
C GLY C 100 -14.31 -1.75 0.66
N PHE C 101 -15.45 -1.74 -0.01
CA PHE C 101 -15.67 -0.79 -1.11
C PHE C 101 -15.49 0.65 -0.57
N PHE C 102 -16.15 0.95 0.53
CA PHE C 102 -16.18 2.32 1.07
C PHE C 102 -14.79 2.79 1.53
N THR C 103 -14.06 1.94 2.25
CA THR C 103 -12.71 2.31 2.61
C THR C 103 -11.75 2.58 1.45
N ALA C 104 -11.77 1.74 0.41
CA ALA C 104 -10.94 2.05 -0.76
C ALA C 104 -11.45 3.33 -1.48
N LEU C 105 -12.77 3.51 -1.54
CA LEU C 105 -13.36 4.67 -2.20
C LEU C 105 -12.95 5.97 -1.51
N LEU C 106 -13.04 5.98 -0.17
CA LEU C 106 -12.55 7.10 0.62
C LEU C 106 -11.07 7.37 0.39
N LYS C 107 -10.26 6.32 0.45
CA LYS C 107 -8.81 6.49 0.25
C LYS C 107 -8.55 7.22 -1.08
N HIS C 108 -9.13 6.71 -2.16
CA HIS C 108 -8.85 7.28 -3.48
C HIS C 108 -9.51 8.62 -3.73
N LEU C 109 -10.75 8.79 -3.31
CA LEU C 109 -11.41 10.11 -3.44
C LEU C 109 -10.60 11.19 -2.71
N SER C 110 -10.12 10.87 -1.49
CA SER C 110 -9.35 11.82 -0.72
C SER C 110 -8.04 12.20 -1.37
N ARG C 111 -7.34 11.21 -1.91
CA ARG C 111 -6.07 11.48 -2.55
CA ARG C 111 -6.07 11.50 -2.52
C ARG C 111 -6.30 12.32 -3.81
N ILE C 112 -7.29 11.93 -4.60
CA ILE C 112 -7.54 12.67 -5.85
C ILE C 112 -7.93 14.14 -5.55
N HIS C 113 -8.87 14.33 -4.62
CA HIS C 113 -9.25 15.69 -4.22
C HIS C 113 -8.09 16.50 -3.60
N ASN C 114 -7.45 15.91 -2.58
CA ASN C 114 -6.41 16.61 -1.86
C ASN C 114 -5.16 16.89 -2.70
N TYR C 115 -4.87 16.02 -3.66
CA TYR C 115 -3.76 16.26 -4.58
C TYR C 115 -4.00 17.46 -5.47
N SER C 116 -5.24 17.66 -5.88
CA SER C 116 -5.54 18.79 -6.77
C SER C 116 -6.01 20.06 -5.99
N ALA C 117 -6.19 19.94 -4.68
CA ALA C 117 -6.65 21.06 -3.85
C ALA C 117 -5.63 22.21 -3.80
N VAL C 118 -6.13 23.40 -3.51
CA VAL C 118 -5.35 24.60 -3.48
C VAL C 118 -5.73 25.32 -2.15
N GLU C 119 -5.11 26.43 -1.79
CA GLU C 119 -5.34 27.03 -0.45
C GLU C 119 -6.81 27.47 -0.20
N THR C 120 -7.53 27.79 -1.28
CA THR C 120 -8.92 28.22 -1.22
C THR C 120 -9.92 27.07 -1.35
N SER C 121 -9.44 25.83 -1.53
CA SER C 121 -10.31 24.65 -1.53
C SER C 121 -11.05 24.40 -0.22
N LYS C 122 -11.89 23.37 -0.21
CA LYS C 122 -12.55 22.91 1.02
C LYS C 122 -12.78 21.39 0.98
N PRO C 123 -13.15 20.78 2.14
CA PRO C 123 -13.45 19.34 2.13
C PRO C 123 -14.50 19.02 1.09
N LEU C 124 -14.36 17.85 0.48
CA LEU C 124 -15.28 17.43 -0.58
C LEU C 124 -16.51 16.69 -0.05
N PHE C 125 -16.34 15.82 0.95
CA PHE C 125 -17.46 14.97 1.35
C PHE C 125 -17.56 14.80 2.86
N GLY C 126 -18.78 14.53 3.32
CA GLY C 126 -19.00 14.05 4.68
C GLY C 126 -19.29 12.56 4.61
N GLU C 127 -19.19 11.88 5.76
CA GLU C 127 -19.35 10.42 5.75
C GLU C 127 -20.40 9.98 6.76
N HIS C 128 -21.26 9.05 6.33
CA HIS C 128 -22.33 8.52 7.17
C HIS C 128 -22.45 7.01 6.99
N TYR C 129 -23.02 6.35 8.01
CA TYR C 129 -23.09 4.91 8.11
C TYR C 129 -24.53 4.46 8.40
N VAL C 130 -25.02 3.50 7.63
CA VAL C 130 -26.33 2.90 7.85
C VAL C 130 -26.21 1.38 7.83
N ARG C 131 -26.65 0.72 8.89
CA ARG C 131 -26.64 -0.75 8.88
C ARG C 131 -27.96 -1.23 8.29
N VAL C 132 -27.83 -2.11 7.32
CA VAL C 132 -28.91 -2.50 6.47
C VAL C 132 -28.74 -4.02 6.32
N LYS C 133 -29.81 -4.80 6.55
CA LYS C 133 -29.71 -6.27 6.55
C LYS C 133 -30.88 -6.93 5.86
N SER C 134 -30.61 -7.89 4.97
CA SER C 134 -31.72 -8.56 4.26
C SER C 134 -31.46 -10.02 3.84
N TYR C 135 -30.22 -10.47 3.84
CA TYR C 135 -29.89 -11.80 3.32
C TYR C 135 -29.90 -12.86 4.42
N CYS C 136 -30.19 -14.10 4.04
CA CYS C 136 -29.92 -15.24 4.90
C CYS C 136 -29.46 -16.37 3.99
N ASN C 137 -28.33 -16.99 4.33
CA ASN C 137 -27.65 -17.90 3.41
C ASN C 137 -27.33 -17.17 2.12
N ASP C 138 -27.64 -17.76 0.97
CA ASP C 138 -27.38 -17.13 -0.33
C ASP C 138 -28.60 -16.42 -0.94
N GLN C 139 -29.59 -16.08 -0.12
CA GLN C 139 -30.77 -15.41 -0.70
C GLN C 139 -31.41 -14.30 0.17
N SER C 140 -32.06 -13.38 -0.52
CA SER C 140 -32.74 -12.26 0.10
C SER C 140 -33.95 -12.82 0.85
N THR C 141 -34.16 -12.36 2.08
CA THR C 141 -35.36 -12.73 2.82
C THR C 141 -36.55 -11.90 2.34
N GLY C 142 -36.31 -10.94 1.45
CA GLY C 142 -37.36 -10.05 0.94
C GLY C 142 -37.86 -9.00 1.92
N THR C 143 -37.26 -8.92 3.10
CA THR C 143 -37.54 -7.82 4.01
C THR C 143 -36.23 -7.05 4.25
N LEU C 144 -36.31 -5.85 4.82
CA LEU C 144 -35.13 -5.03 5.00
C LEU C 144 -35.11 -4.38 6.36
N GLU C 145 -34.09 -4.71 7.14
CA GLU C 145 -33.83 -4.14 8.44
C GLU C 145 -32.93 -2.90 8.21
N ILE C 146 -33.26 -1.77 8.84
CA ILE C 146 -32.47 -0.53 8.73
C ILE C 146 -32.16 0.00 10.13
N VAL C 147 -30.90 0.33 10.38
CA VAL C 147 -30.50 1.10 11.57
C VAL C 147 -29.43 2.18 11.28
N SER C 148 -29.73 3.44 11.63
CA SER C 148 -28.72 4.50 11.55
C SER C 148 -29.02 5.70 12.43
N GLU C 149 -28.05 6.61 12.50
CA GLU C 149 -28.28 7.96 13.00
C GLU C 149 -29.48 8.58 12.27
N ASP C 150 -30.08 9.61 12.88
CA ASP C 150 -31.20 10.32 12.28
C ASP C 150 -30.76 10.95 10.96
N LEU C 151 -31.46 10.63 9.89
CA LEU C 151 -31.01 11.04 8.55
C LEU C 151 -31.50 12.41 8.08
N SER C 152 -32.23 13.12 8.95
CA SER C 152 -32.59 14.50 8.64
C SER C 152 -31.38 15.45 8.57
N CYS C 153 -30.23 15.05 9.10
CA CYS C 153 -28.98 15.77 8.87
C CYS C 153 -28.57 15.81 7.37
N LEU C 154 -29.22 14.99 6.56
CA LEU C 154 -29.00 14.96 5.10
C LEU C 154 -29.91 15.91 4.29
N LYS C 155 -30.82 16.60 4.98
CA LYS C 155 -31.78 17.48 4.29
C LYS C 155 -31.03 18.54 3.48
N GLY C 156 -31.44 18.74 2.23
CA GLY C 156 -30.80 19.68 1.29
C GLY C 156 -29.38 19.28 0.87
N LYS C 157 -28.96 18.04 1.14
CA LYS C 157 -27.60 17.61 0.75
C LYS C 157 -27.63 16.73 -0.48
N HIS C 158 -26.53 16.78 -1.25
CA HIS C 158 -26.19 15.76 -2.24
C HIS C 158 -25.74 14.50 -1.51
N VAL C 159 -26.40 13.38 -1.79
CA VAL C 159 -26.04 12.11 -1.16
C VAL C 159 -25.56 11.08 -2.19
N LEU C 160 -24.53 10.34 -1.81
CA LEU C 160 -24.00 9.26 -2.64
C LEU C 160 -24.10 8.01 -1.81
N ILE C 161 -24.95 7.07 -2.23
CA ILE C 161 -25.08 5.80 -1.55
C ILE C 161 -23.96 4.87 -2.05
N VAL C 162 -23.24 4.24 -1.14
CA VAL C 162 -22.15 3.32 -1.49
C VAL C 162 -22.62 1.91 -1.09
N GLU C 163 -22.82 1.05 -2.09
CA GLU C 163 -23.34 -0.29 -1.85
C GLU C 163 -22.39 -1.30 -2.47
N ASP C 164 -22.28 -2.47 -1.84
CA ASP C 164 -21.40 -3.53 -2.29
C ASP C 164 -21.89 -4.23 -3.59
N ILE C 165 -23.16 -4.64 -3.62
CA ILE C 165 -23.63 -5.45 -4.75
C ILE C 165 -25.10 -5.20 -4.95
N ILE C 166 -25.48 -5.03 -6.22
CA ILE C 166 -26.87 -5.11 -6.62
C ILE C 166 -27.13 -6.53 -7.15
N ASP C 167 -28.10 -7.20 -6.55
CA ASP C 167 -28.45 -8.55 -6.94
C ASP C 167 -29.92 -8.53 -7.39
N THR C 168 -30.86 -8.74 -6.46
CA THR C 168 -32.28 -8.60 -6.79
C THR C 168 -32.67 -7.14 -7.04
N GLY C 169 -31.89 -6.19 -6.49
CA GLY C 169 -32.28 -4.78 -6.51
C GLY C 169 -33.22 -4.38 -5.37
N LYS C 170 -33.51 -5.32 -4.47
CA LYS C 170 -34.49 -5.10 -3.43
C LYS C 170 -33.97 -4.16 -2.37
N THR C 171 -32.72 -4.37 -1.95
CA THR C 171 -32.20 -3.47 -0.90
C THR C 171 -32.27 -1.99 -1.33
N LEU C 172 -31.84 -1.71 -2.55
CA LEU C 172 -31.71 -0.32 -2.95
C LEU C 172 -33.05 0.33 -3.29
N VAL C 173 -33.95 -0.44 -3.88
CA VAL C 173 -35.28 0.08 -4.16
C VAL C 173 -35.98 0.47 -2.84
N LYS C 174 -35.92 -0.40 -1.84
CA LYS C 174 -36.53 -0.11 -0.53
C LYS C 174 -35.79 1.02 0.21
N PHE C 175 -34.45 0.99 0.16
CA PHE C 175 -33.68 2.01 0.87
C PHE C 175 -33.90 3.38 0.24
N CYS C 176 -33.94 3.44 -1.08
CA CYS C 176 -34.19 4.70 -1.75
C CYS C 176 -35.59 5.24 -1.47
N GLU C 177 -36.56 4.35 -1.33
CA GLU C 177 -37.93 4.77 -1.01
C GLU C 177 -37.92 5.45 0.35
N TYR C 178 -37.27 4.81 1.31
CA TYR C 178 -37.09 5.29 2.66
C TYR C 178 -36.42 6.67 2.77
N LEU C 179 -35.43 6.94 1.91
CA LEU C 179 -34.77 8.25 1.86
C LEU C 179 -35.66 9.38 1.33
N LYS C 180 -36.80 9.01 0.76
CA LYS C 180 -37.73 10.01 0.22
C LYS C 180 -38.25 10.95 1.31
N LYS C 181 -38.28 10.47 2.55
CA LYS C 181 -38.84 11.22 3.65
C LYS C 181 -37.93 12.34 4.16
N PHE C 182 -36.65 12.34 3.76
CA PHE C 182 -35.70 13.26 4.40
C PHE C 182 -35.38 14.57 3.69
N GLU C 183 -36.00 14.82 2.54
CA GLU C 183 -35.82 16.05 1.78
C GLU C 183 -34.37 16.29 1.35
N ILE C 184 -33.73 15.20 0.92
CA ILE C 184 -32.38 15.21 0.37
C ILE C 184 -32.41 15.87 -1.00
N LYS C 185 -31.37 16.64 -1.32
CA LYS C 185 -31.31 17.35 -2.59
C LYS C 185 -31.11 16.39 -3.79
N THR C 186 -30.10 15.52 -3.74
CA THR C 186 -29.94 14.47 -4.80
C THR C 186 -29.55 13.14 -4.18
N VAL C 187 -29.97 12.08 -4.83
CA VAL C 187 -29.53 10.72 -4.47
C VAL C 187 -28.88 10.03 -5.69
N ALA C 188 -27.57 9.77 -5.56
CA ALA C 188 -26.80 9.02 -6.54
C ALA C 188 -26.36 7.69 -5.92
N ILE C 189 -26.17 6.68 -6.76
CA ILE C 189 -25.77 5.36 -6.29
C ILE C 189 -24.43 4.90 -6.86
N ALA C 190 -23.50 4.50 -5.99
CA ALA C 190 -22.27 3.82 -6.44
C ALA C 190 -22.34 2.38 -5.96
N CYS C 191 -22.17 1.44 -6.88
CA CYS C 191 -22.20 0.04 -6.53
C CYS C 191 -20.99 -0.68 -7.07
N LEU C 192 -20.33 -1.51 -6.25
CA LEU C 192 -19.13 -2.18 -6.68
C LEU C 192 -19.42 -3.31 -7.67
N PHE C 193 -20.41 -4.17 -7.36
CA PHE C 193 -20.78 -5.32 -8.22
C PHE C 193 -22.25 -5.28 -8.59
N ILE C 194 -22.57 -5.60 -9.84
CA ILE C 194 -23.96 -5.87 -10.25
C ILE C 194 -24.00 -7.29 -10.84
N LYS C 195 -24.90 -8.12 -10.33
CA LYS C 195 -24.99 -9.54 -10.72
C LYS C 195 -25.98 -9.66 -11.88
N ARG C 196 -25.60 -10.40 -12.91
CA ARG C 196 -26.48 -10.64 -14.06
C ARG C 196 -27.39 -11.82 -13.65
N THR C 197 -28.46 -11.50 -12.95
CA THR C 197 -29.41 -12.51 -12.48
C THR C 197 -30.78 -12.17 -13.05
N PRO C 198 -31.56 -13.20 -13.43
CA PRO C 198 -32.96 -12.97 -13.84
C PRO C 198 -33.83 -12.49 -12.66
N LEU C 199 -33.32 -12.54 -11.43
CA LEU C 199 -34.10 -12.04 -10.29
C LEU C 199 -34.07 -10.51 -10.18
N TRP C 200 -33.24 -9.86 -11.00
CA TRP C 200 -33.00 -8.40 -10.90
C TRP C 200 -34.23 -7.56 -11.25
N ASN C 201 -34.57 -6.61 -10.38
CA ASN C 201 -35.74 -5.76 -10.64
C ASN C 201 -35.46 -4.58 -11.58
N GLY C 202 -34.24 -4.43 -12.06
CA GLY C 202 -33.97 -3.30 -12.98
C GLY C 202 -33.26 -2.09 -12.35
N PHE C 203 -33.09 -2.09 -11.03
CA PHE C 203 -32.38 -1.01 -10.34
C PHE C 203 -30.94 -0.88 -10.81
N LYS C 204 -30.61 0.25 -11.46
CA LYS C 204 -29.27 0.52 -11.98
C LYS C 204 -28.55 1.56 -11.11
N ALA C 205 -27.25 1.36 -10.92
CA ALA C 205 -26.45 2.34 -10.21
C ALA C 205 -25.89 3.43 -11.15
N ASP C 206 -25.50 4.56 -10.57
CA ASP C 206 -24.89 5.65 -11.32
C ASP C 206 -23.41 5.46 -11.56
N PHE C 207 -22.75 4.73 -10.66
CA PHE C 207 -21.34 4.43 -10.84
C PHE C 207 -21.22 2.95 -10.49
N VAL C 208 -20.67 2.16 -11.39
CA VAL C 208 -20.68 0.70 -11.17
C VAL C 208 -19.33 0.09 -11.52
N GLY C 209 -18.77 -0.70 -10.60
CA GLY C 209 -17.48 -1.34 -10.81
C GLY C 209 -17.46 -2.48 -11.84
N PHE C 210 -18.13 -3.57 -11.49
CA PHE C 210 -18.08 -4.83 -12.23
C PHE C 210 -19.46 -5.44 -12.45
N SER C 211 -19.68 -5.97 -13.65
CA SER C 211 -20.82 -6.85 -13.91
C SER C 211 -20.35 -8.31 -13.80
N ILE C 212 -21.04 -9.09 -12.99
CA ILE C 212 -20.55 -10.43 -12.69
C ILE C 212 -21.62 -11.49 -12.98
N PRO C 213 -21.19 -12.76 -13.16
CA PRO C 213 -22.06 -13.91 -13.44
C PRO C 213 -22.99 -14.22 -12.27
N ASP C 214 -23.98 -15.07 -12.53
CA ASP C 214 -25.04 -15.33 -11.58
C ASP C 214 -24.60 -16.42 -10.61
N HIS C 215 -23.72 -16.09 -9.68
CA HIS C 215 -23.23 -17.04 -8.67
C HIS C 215 -23.04 -16.25 -7.38
N PHE C 216 -23.21 -16.92 -6.26
CA PHE C 216 -23.08 -16.23 -4.99
C PHE C 216 -21.59 -16.01 -4.67
N VAL C 217 -21.21 -14.75 -4.52
CA VAL C 217 -19.81 -14.35 -4.36
C VAL C 217 -19.49 -14.03 -2.90
N VAL C 218 -18.26 -14.26 -2.51
CA VAL C 218 -17.79 -13.93 -1.17
C VAL C 218 -16.43 -13.24 -1.26
N GLY C 219 -16.09 -12.49 -0.21
CA GLY C 219 -14.81 -11.81 -0.11
C GLY C 219 -14.96 -10.31 -0.30
N TYR C 220 -13.87 -9.60 -0.11
CA TYR C 220 -13.89 -8.14 -0.20
C TYR C 220 -15.07 -7.55 0.62
N SER C 221 -15.25 -7.99 1.87
CA SER C 221 -16.39 -7.59 2.72
C SER C 221 -17.76 -8.28 2.46
N LEU C 222 -17.92 -8.97 1.33
CA LEU C 222 -19.16 -9.74 1.08
C LEU C 222 -19.07 -11.07 1.77
N ASP C 223 -20.12 -11.39 2.53
CA ASP C 223 -20.14 -12.58 3.39
C ASP C 223 -21.15 -13.61 2.88
N TYR C 224 -21.03 -14.83 3.41
CA TYR C 224 -22.12 -15.80 3.42
C TYR C 224 -22.31 -16.08 4.91
N ASN C 225 -23.45 -15.69 5.51
CA ASN C 225 -23.70 -15.85 6.96
C ASN C 225 -22.53 -15.43 7.86
N GLU C 226 -21.99 -14.22 7.61
CA GLU C 226 -20.87 -13.59 8.35
C GLU C 226 -19.49 -14.14 8.07
N ILE C 227 -19.41 -15.18 7.24
CA ILE C 227 -18.14 -15.81 6.91
C ILE C 227 -17.59 -15.22 5.62
N PHE C 228 -16.24 -15.15 5.55
CA PHE C 228 -15.44 -14.83 4.34
C PHE C 228 -15.25 -13.33 4.11
N ARG C 229 -15.77 -12.47 4.99
CA ARG C 229 -15.58 -11.01 4.80
C ARG C 229 -14.09 -10.63 4.68
N ASP C 230 -13.26 -11.34 5.45
CA ASP C 230 -11.82 -11.10 5.51
C ASP C 230 -11.05 -11.68 4.31
N LEU C 231 -11.73 -12.44 3.45
CA LEU C 231 -11.12 -12.94 2.22
C LEU C 231 -10.85 -11.77 1.27
N ASP C 232 -9.59 -11.62 0.81
CA ASP C 232 -9.20 -10.41 0.04
C ASP C 232 -9.79 -10.35 -1.37
N HIS C 233 -10.04 -11.51 -1.98
CA HIS C 233 -10.47 -11.58 -3.39
C HIS C 233 -11.94 -11.89 -3.47
N CYS C 234 -12.58 -11.44 -4.53
CA CYS C 234 -13.97 -11.82 -4.76
C CYS C 234 -13.98 -13.25 -5.34
N CYS C 235 -14.58 -14.19 -4.61
CA CYS C 235 -14.57 -15.61 -5.00
C CYS C 235 -15.97 -16.21 -5.02
N LEU C 236 -16.14 -17.33 -5.72
CA LEU C 236 -17.41 -18.07 -5.66
C LEU C 236 -17.31 -19.08 -4.52
N VAL C 237 -18.29 -19.07 -3.61
CA VAL C 237 -18.38 -20.10 -2.57
C VAL C 237 -18.98 -21.38 -3.20
N ASN C 238 -18.42 -22.53 -2.88
CA ASN C 238 -18.90 -23.77 -3.44
C ASN C 238 -20.02 -24.40 -2.59
N ASP C 239 -20.55 -25.52 -3.04
CA ASP C 239 -21.65 -26.12 -2.33
C ASP C 239 -21.26 -26.66 -0.97
N GLU C 240 -20.04 -27.18 -0.84
CA GLU C 240 -19.53 -27.55 0.48
C GLU C 240 -19.52 -26.39 1.47
N GLY C 241 -19.10 -25.19 1.01
CA GLY C 241 -19.10 -24.00 1.86
C GLY C 241 -20.49 -23.54 2.25
N LYS C 242 -21.42 -23.56 1.30
CA LYS C 242 -22.78 -23.19 1.59
C LYS C 242 -23.39 -24.14 2.65
N LYS C 243 -23.09 -25.43 2.57
CA LYS C 243 -23.56 -26.40 3.56
C LYS C 243 -22.92 -26.21 4.94
N LYS C 244 -21.58 -26.13 4.98
CA LYS C 244 -20.84 -25.96 6.23
C LYS C 244 -21.31 -24.74 7.04
N TYR C 245 -21.49 -23.62 6.35
CA TYR C 245 -21.79 -22.36 7.01
C TYR C 245 -23.26 -21.95 6.94
N LYS C 246 -24.13 -22.91 6.63
CA LYS C 246 -25.58 -22.63 6.54
C LYS C 246 -26.14 -22.06 7.86
N ALA C 247 -27.16 -21.21 7.77
CA ALA C 247 -27.80 -20.71 9.00
C ALA C 247 -28.49 -21.90 9.69
N THR C 248 -28.47 -21.94 11.02
CA THR C 248 -29.03 -23.11 11.73
C THR C 248 -30.04 -22.69 12.80
N PRO D 21 -4.14 -14.97 28.95
CA PRO D 21 -5.39 -14.45 29.51
C PRO D 21 -5.98 -13.35 28.63
N ILE D 22 -7.23 -13.53 28.26
CA ILE D 22 -7.92 -12.52 27.48
C ILE D 22 -8.39 -11.46 28.46
N PRO D 23 -8.08 -10.17 28.19
CA PRO D 23 -8.46 -9.14 29.15
C PRO D 23 -9.96 -9.14 29.40
N ASN D 24 -10.34 -8.90 30.64
CA ASN D 24 -11.74 -8.81 31.00
C ASN D 24 -11.94 -8.00 32.29
N ASN D 25 -11.37 -6.80 32.30
CA ASN D 25 -11.60 -5.84 33.38
C ASN D 25 -11.53 -4.48 32.73
N PRO D 26 -12.63 -4.09 32.02
CA PRO D 26 -12.55 -2.92 31.14
C PRO D 26 -12.29 -1.63 31.89
N GLY D 27 -11.33 -0.85 31.40
CA GLY D 27 -10.88 0.34 32.08
C GLY D 27 -9.72 0.12 33.01
N ALA D 28 -9.41 -1.14 33.33
CA ALA D 28 -8.24 -1.42 34.20
C ALA D 28 -6.92 -1.52 33.45
N GLY D 29 -6.98 -1.89 32.17
CA GLY D 29 -5.78 -2.14 31.36
C GLY D 29 -4.76 -3.02 32.10
N GLU D 30 -5.23 -4.15 32.63
CA GLU D 30 -4.48 -4.91 33.65
C GLU D 30 -3.10 -5.35 33.21
N ASN D 31 -2.99 -5.80 31.97
CA ASN D 31 -1.73 -6.30 31.45
C ASN D 31 -1.26 -5.59 30.18
N ALA D 32 -1.68 -4.34 30.04
CA ALA D 32 -1.40 -3.59 28.81
C ALA D 32 0.10 -3.26 28.67
N PHE D 33 0.62 -3.41 27.45
CA PHE D 33 1.96 -2.89 27.10
C PHE D 33 1.88 -1.38 26.99
N ASP D 34 2.99 -0.69 27.31
CA ASP D 34 3.10 0.75 27.17
C ASP D 34 2.74 1.20 25.75
N PRO D 35 2.15 2.39 25.61
CA PRO D 35 2.04 2.92 24.26
C PRO D 35 3.37 3.53 23.81
N VAL D 36 3.42 3.95 22.56
CA VAL D 36 4.48 4.86 22.08
C VAL D 36 4.21 6.23 22.70
N PHE D 37 5.25 6.88 23.22
CA PHE D 37 5.09 8.16 23.88
C PHE D 37 5.44 9.29 22.93
N VAL D 38 4.46 10.14 22.70
CA VAL D 38 4.64 11.33 21.92
C VAL D 38 4.76 12.48 22.92
N ASN D 39 5.95 13.06 22.98
CA ASN D 39 6.30 14.06 24.00
C ASN D 39 5.65 15.39 23.69
N ASP D 40 5.54 16.23 24.71
CA ASP D 40 4.87 17.53 24.57
C ASP D 40 5.49 18.43 23.48
N ASP D 41 6.79 18.25 23.20
CA ASP D 41 7.49 19.06 22.19
C ASP D 41 7.77 18.29 20.88
N ASP D 42 7.13 17.13 20.76
CA ASP D 42 7.36 16.27 19.59
C ASP D 42 6.45 16.75 18.45
N GLY D 43 6.74 16.31 17.24
CA GLY D 43 5.90 16.68 16.10
C GLY D 43 6.77 17.23 15.00
N TYR D 44 6.14 17.75 13.95
CA TYR D 44 6.83 18.01 12.71
C TYR D 44 6.16 19.24 12.12
N ASP D 45 6.92 20.04 11.40
CA ASP D 45 6.26 21.21 10.83
C ASP D 45 5.42 20.83 9.61
N LEU D 46 4.53 21.73 9.20
CA LEU D 46 3.58 21.39 8.16
C LEU D 46 4.24 21.18 6.79
N ASP D 47 5.44 21.70 6.61
CA ASP D 47 6.14 21.54 5.34
C ASP D 47 6.88 20.20 5.20
N SER D 48 6.89 19.42 6.27
CA SER D 48 7.58 18.12 6.26
C SER D 48 6.90 17.03 5.44
N PHE D 49 5.57 17.06 5.41
CA PHE D 49 4.80 15.98 4.80
C PHE D 49 3.77 16.60 3.86
N MET D 50 3.09 15.78 3.08
CA MET D 50 1.94 16.24 2.30
C MET D 50 0.79 16.62 3.25
N ILE D 51 0.31 17.84 3.12
CA ILE D 51 -0.87 18.33 3.85
C ILE D 51 -1.83 18.94 2.80
N PRO D 52 -3.12 18.53 2.78
CA PRO D 52 -4.03 19.19 1.79
C PRO D 52 -3.95 20.72 1.93
N ALA D 53 -3.85 21.43 0.81
CA ALA D 53 -3.49 22.84 0.89
C ALA D 53 -4.44 23.69 1.76
N HIS D 54 -5.75 23.48 1.60
CA HIS D 54 -6.76 24.26 2.34
C HIS D 54 -6.71 24.04 3.86
N TYR D 55 -6.17 22.91 4.30
CA TYR D 55 -6.10 22.64 5.74
C TYR D 55 -4.92 23.31 6.44
N LYS D 56 -3.86 23.61 5.69
CA LYS D 56 -2.62 24.13 6.29
C LYS D 56 -2.81 25.34 7.23
N LYS D 57 -3.58 26.34 6.79
CA LYS D 57 -3.85 27.54 7.63
C LYS D 57 -4.59 27.24 8.97
N TYR D 58 -5.10 26.02 9.14
CA TYR D 58 -5.87 25.68 10.33
C TYR D 58 -5.15 24.71 11.26
N LEU D 59 -3.88 24.43 10.97
CA LEU D 59 -3.15 23.42 11.73
C LEU D 59 -1.93 24.03 12.33
N THR D 60 -1.58 23.63 13.55
CA THR D 60 -0.34 24.15 14.07
C THR D 60 0.86 23.31 13.64
N LYS D 61 0.71 21.99 13.63
CA LYS D 61 1.85 21.11 13.35
C LYS D 61 1.35 19.68 13.14
N VAL D 62 2.19 18.82 12.60
CA VAL D 62 1.90 17.38 12.56
C VAL D 62 2.40 16.74 13.85
N LEU D 63 1.56 15.95 14.49
CA LEU D 63 1.98 15.22 15.69
C LEU D 63 2.52 13.85 15.30
N VAL D 64 1.69 13.05 14.63
CA VAL D 64 2.02 11.67 14.25
C VAL D 64 1.62 11.51 12.78
N PRO D 65 2.60 11.23 11.90
CA PRO D 65 2.37 10.98 10.49
C PRO D 65 1.56 9.68 10.24
N ASN D 66 0.74 9.71 9.19
CA ASN D 66 -0.02 8.55 8.74
C ASN D 66 0.74 7.21 8.79
N GLY D 67 1.96 7.19 8.26
CA GLY D 67 2.65 5.94 8.09
C GLY D 67 3.08 5.35 9.42
N VAL D 68 3.40 6.22 10.40
CA VAL D 68 3.74 5.72 11.73
C VAL D 68 2.51 5.23 12.52
N ILE D 69 1.37 5.84 12.29
CA ILE D 69 0.13 5.35 12.88
C ILE D 69 -0.10 3.94 12.36
N LYS D 70 0.01 3.77 11.03
CA LYS D 70 -0.11 2.47 10.41
C LYS D 70 0.89 1.43 10.91
N ASN D 71 2.17 1.80 11.06
CA ASN D 71 3.14 0.87 11.59
C ASN D 71 2.78 0.47 13.01
N ARG D 72 2.35 1.43 13.83
CA ARG D 72 1.98 1.11 15.20
C ARG D 72 0.76 0.20 15.22
N ILE D 73 -0.18 0.43 14.31
CA ILE D 73 -1.40 -0.41 14.29
C ILE D 73 -1.07 -1.85 13.87
N GLU D 74 -0.09 -2.01 12.99
CA GLU D 74 0.33 -3.34 12.59
C GLU D 74 0.80 -4.09 13.84
N LYS D 75 1.58 -3.42 14.69
CA LYS D 75 2.12 -4.08 15.89
C LYS D 75 1.00 -4.38 16.92
N LEU D 76 0.06 -3.44 17.10
CA LEU D 76 -1.15 -3.70 17.88
C LEU D 76 -1.90 -4.96 17.45
N ALA D 77 -2.14 -5.10 16.14
CA ALA D 77 -2.73 -6.32 15.57
C ALA D 77 -1.95 -7.57 15.98
N TYR D 78 -0.64 -7.50 15.84
CA TYR D 78 0.21 -8.58 16.28
C TYR D 78 0.00 -8.89 17.78
N ASP D 79 0.03 -7.85 18.62
CA ASP D 79 -0.28 -8.01 20.08
C ASP D 79 -1.65 -8.68 20.31
N ILE D 80 -2.66 -8.27 19.58
CA ILE D 80 -4.01 -8.83 19.71
C ILE D 80 -4.01 -10.31 19.28
N LYS D 81 -3.40 -10.59 18.14
CA LYS D 81 -3.32 -11.98 17.66
C LYS D 81 -2.56 -12.85 18.71
N LYS D 82 -1.47 -12.33 19.28
CA LYS D 82 -0.70 -13.08 20.30
C LYS D 82 -1.61 -13.38 21.54
N VAL D 83 -2.49 -12.44 21.90
CA VAL D 83 -3.40 -12.66 23.03
C VAL D 83 -4.49 -13.69 22.71
N TYR D 84 -5.26 -13.45 21.64
CA TYR D 84 -6.42 -14.30 21.31
C TYR D 84 -6.07 -15.63 20.68
N ASN D 85 -4.89 -15.69 20.06
CA ASN D 85 -4.43 -16.84 19.27
C ASN D 85 -5.49 -17.24 18.26
N ASN D 86 -6.20 -18.35 18.50
CA ASN D 86 -7.29 -18.74 17.56
C ASN D 86 -8.67 -18.67 18.17
N GLU D 87 -8.78 -18.11 19.37
CA GLU D 87 -10.07 -17.94 20.01
C GLU D 87 -10.89 -16.88 19.25
N GLU D 88 -12.08 -17.27 18.77
CA GLU D 88 -13.04 -16.36 18.13
C GLU D 88 -13.34 -15.14 19.01
N PHE D 89 -13.18 -13.96 18.43
CA PHE D 89 -13.61 -12.72 19.06
C PHE D 89 -14.37 -11.80 18.08
N HIS D 90 -15.00 -10.79 18.65
CA HIS D 90 -15.89 -9.94 17.91
C HIS D 90 -15.45 -8.53 18.12
N ILE D 91 -15.15 -7.87 17.02
CA ILE D 91 -14.62 -6.56 17.19
C ILE D 91 -15.69 -5.52 16.94
N LEU D 92 -15.74 -4.55 17.84
CA LEU D 92 -16.81 -3.59 17.81
C LEU D 92 -16.23 -2.20 17.47
N CYS D 93 -16.59 -1.67 16.31
CA CYS D 93 -16.03 -0.41 15.83
C CYS D 93 -16.94 0.74 16.26
N LEU D 94 -16.43 1.66 17.09
CA LEU D 94 -17.15 2.89 17.52
C LEU D 94 -17.11 3.95 16.42
N LEU D 95 -18.18 4.12 15.66
CA LEU D 95 -18.22 5.12 14.58
C LEU D 95 -18.51 6.51 15.14
N LYS D 96 -18.03 7.57 14.48
CA LYS D 96 -17.34 7.50 13.19
C LYS D 96 -15.81 7.55 13.35
N GLY D 97 -15.35 8.08 14.49
CA GLY D 97 -13.92 8.36 14.69
C GLY D 97 -12.98 7.19 14.58
N SER D 98 -13.48 5.99 14.84
CA SER D 98 -12.60 4.81 14.84
C SER D 98 -12.44 4.18 13.44
N ARG D 99 -13.11 4.72 12.42
CA ARG D 99 -12.96 4.16 11.06
C ARG D 99 -11.53 3.90 10.63
N GLY D 100 -10.68 4.93 10.67
CA GLY D 100 -9.27 4.81 10.28
C GLY D 100 -8.54 3.72 11.05
N PHE D 101 -8.69 3.75 12.36
CA PHE D 101 -8.02 2.77 13.22
C PHE D 101 -8.51 1.37 12.84
N PHE D 102 -9.83 1.21 12.86
CA PHE D 102 -10.49 -0.06 12.55
C PHE D 102 -10.09 -0.68 11.20
N THR D 103 -10.07 0.13 10.14
CA THR D 103 -9.70 -0.39 8.83
C THR D 103 -8.23 -0.87 8.76
N ALA D 104 -7.30 -0.09 9.29
CA ALA D 104 -5.92 -0.54 9.35
C ALA D 104 -5.78 -1.82 10.22
N LEU D 105 -6.52 -1.89 11.33
CA LEU D 105 -6.45 -3.01 12.28
C LEU D 105 -6.97 -4.30 11.62
N LEU D 106 -8.10 -4.19 10.95
CA LEU D 106 -8.66 -5.33 10.21
C LEU D 106 -7.69 -5.83 9.15
N LYS D 107 -7.04 -4.90 8.46
CA LYS D 107 -6.10 -5.27 7.39
C LYS D 107 -4.97 -6.10 7.98
N HIS D 108 -4.38 -5.59 9.06
CA HIS D 108 -3.20 -6.24 9.63
C HIS D 108 -3.53 -7.49 10.42
N LEU D 109 -4.65 -7.50 11.14
CA LEU D 109 -5.07 -8.74 11.81
C LEU D 109 -5.35 -9.85 10.81
N SER D 110 -6.02 -9.50 9.71
CA SER D 110 -6.35 -10.48 8.68
C SER D 110 -5.11 -11.09 8.07
N ARG D 111 -4.16 -10.26 7.65
CA ARG D 111 -2.93 -10.75 7.04
C ARG D 111 -2.14 -11.60 8.05
N ILE D 112 -2.01 -11.12 9.27
CA ILE D 112 -1.26 -11.90 10.27
C ILE D 112 -1.94 -13.27 10.56
N HIS D 113 -3.25 -13.26 10.78
CA HIS D 113 -3.98 -14.53 10.95
C HIS D 113 -3.86 -15.47 9.73
N ASN D 114 -4.19 -14.92 8.55
CA ASN D 114 -4.27 -15.72 7.37
C ASN D 114 -2.91 -16.17 6.82
N TYR D 115 -1.85 -15.44 7.13
CA TYR D 115 -0.51 -15.88 6.74
C TYR D 115 -0.10 -17.10 7.56
N SER D 116 -0.56 -17.18 8.79
CA SER D 116 -0.19 -18.28 9.65
C SER D 116 -1.25 -19.41 9.65
N ALA D 117 -2.40 -19.17 9.00
CA ALA D 117 -3.50 -20.13 8.95
C ALA D 117 -3.10 -21.41 8.19
N VAL D 118 -3.72 -22.50 8.58
CA VAL D 118 -3.45 -23.78 8.02
C VAL D 118 -4.83 -24.32 7.58
N GLU D 119 -4.88 -25.45 6.88
CA GLU D 119 -6.15 -25.96 6.32
C GLU D 119 -7.23 -26.24 7.38
N THR D 120 -6.80 -26.56 8.60
CA THR D 120 -7.75 -26.81 9.67
C THR D 120 -8.07 -25.53 10.48
N SER D 121 -7.55 -24.36 10.09
CA SER D 121 -7.87 -23.10 10.78
C SER D 121 -9.33 -22.69 10.62
N LYS D 122 -9.73 -21.63 11.32
CA LYS D 122 -10.98 -20.93 11.00
C LYS D 122 -10.84 -19.40 11.13
N PRO D 123 -11.90 -18.65 10.74
CA PRO D 123 -11.87 -17.19 10.85
C PRO D 123 -11.60 -16.79 12.30
N LEU D 124 -10.91 -15.67 12.48
CA LEU D 124 -10.53 -15.23 13.81
C LEU D 124 -11.60 -14.34 14.44
N PHE D 125 -12.24 -13.49 13.65
CA PHE D 125 -13.09 -12.46 14.27
C PHE D 125 -14.33 -12.14 13.44
N GLY D 126 -15.37 -11.66 14.11
CA GLY D 126 -16.48 -11.03 13.45
C GLY D 126 -16.34 -9.54 13.63
N GLU D 127 -17.10 -8.77 12.87
CA GLU D 127 -17.01 -7.31 12.87
C GLU D 127 -18.40 -6.68 13.10
N HIS D 128 -18.46 -5.69 14.00
CA HIS D 128 -19.70 -5.03 14.39
C HIS D 128 -19.43 -3.54 14.51
N TYR D 129 -20.50 -2.75 14.39
CA TYR D 129 -20.43 -1.31 14.30
C TYR D 129 -21.48 -0.68 15.18
N VAL D 130 -21.04 0.22 16.06
CA VAL D 130 -21.98 1.01 16.88
C VAL D 130 -21.60 2.50 16.69
N ARG D 131 -22.58 3.35 16.37
CA ARG D 131 -22.32 4.78 16.29
C ARG D 131 -22.57 5.39 17.67
N VAL D 132 -21.55 6.04 18.22
CA VAL D 132 -21.70 6.78 19.48
C VAL D 132 -21.23 8.21 19.27
N LYS D 133 -21.88 9.14 19.96
CA LYS D 133 -21.59 10.57 19.78
C LYS D 133 -21.55 11.25 21.12
N SER D 134 -20.54 12.09 21.38
CA SER D 134 -20.52 12.87 22.62
C SER D 134 -19.82 14.24 22.55
N TYR D 135 -19.11 14.52 21.46
CA TYR D 135 -18.29 15.76 21.43
C TYR D 135 -19.03 16.89 20.76
N CYS D 136 -18.74 18.12 21.20
CA CYS D 136 -19.11 19.30 20.46
C CYS D 136 -17.94 20.30 20.54
N ASN D 137 -17.50 20.79 19.38
CA ASN D 137 -16.24 21.56 19.28
C ASN D 137 -15.11 20.70 19.82
N ASP D 138 -14.38 21.21 20.80
CA ASP D 138 -13.23 20.47 21.31
C ASP D 138 -13.48 19.89 22.70
N GLN D 139 -14.74 19.66 23.04
CA GLN D 139 -15.12 19.33 24.42
C GLN D 139 -16.19 18.21 24.48
N SER D 140 -16.05 17.32 25.46
CA SER D 140 -17.08 16.30 25.72
C SER D 140 -18.29 17.05 26.28
N THR D 141 -19.46 16.73 25.76
CA THR D 141 -20.72 17.28 26.29
C THR D 141 -21.08 16.59 27.61
N GLY D 142 -20.43 15.47 27.90
CA GLY D 142 -20.66 14.70 29.14
C GLY D 142 -21.89 13.81 29.01
N THR D 143 -22.42 13.72 27.81
CA THR D 143 -23.53 12.84 27.52
C THR D 143 -23.11 11.92 26.36
N LEU D 144 -23.71 10.74 26.26
CA LEU D 144 -23.38 9.81 25.19
C LEU D 144 -24.64 9.35 24.48
N GLU D 145 -24.69 9.61 23.19
CA GLU D 145 -25.75 9.13 22.33
C GLU D 145 -25.25 7.85 21.64
N ILE D 146 -26.06 6.79 21.67
CA ILE D 146 -25.71 5.49 21.09
C ILE D 146 -26.73 5.05 20.03
N VAL D 147 -26.23 4.55 18.90
CA VAL D 147 -27.03 3.91 17.83
C VAL D 147 -26.40 2.57 17.35
N SER D 148 -27.07 1.45 17.60
CA SER D 148 -26.63 0.15 17.00
C SER D 148 -27.73 -0.70 16.31
N GLU D 149 -28.54 -1.48 17.02
CA GLU D 149 -28.56 -1.60 18.48
C GLU D 149 -28.73 -3.02 19.06
N ASP D 150 -29.16 -4.00 18.27
CA ASP D 150 -29.29 -5.32 18.87
C ASP D 150 -27.98 -6.08 18.96
N LEU D 151 -27.33 -5.92 20.09
CA LEU D 151 -26.04 -6.52 20.33
C LEU D 151 -26.18 -7.83 21.10
N SER D 152 -27.39 -8.40 21.07
CA SER D 152 -27.65 -9.66 21.75
C SER D 152 -26.86 -10.81 21.12
N CYS D 153 -26.56 -10.72 19.82
CA CYS D 153 -25.69 -11.70 19.18
C CYS D 153 -24.29 -11.78 19.85
N LEU D 154 -23.93 -10.76 20.63
CA LEU D 154 -22.70 -10.75 21.41
C LEU D 154 -22.76 -11.52 22.77
N LYS D 155 -23.94 -12.02 23.14
CA LYS D 155 -24.03 -12.83 24.37
C LYS D 155 -23.02 -13.99 24.36
N GLY D 156 -22.26 -14.13 25.45
CA GLY D 156 -21.28 -15.23 25.60
C GLY D 156 -20.07 -15.17 24.67
N LYS D 157 -19.87 -14.03 24.00
CA LYS D 157 -18.73 -13.84 23.10
C LYS D 157 -17.63 -13.01 23.73
N HIS D 158 -16.41 -13.15 23.21
CA HIS D 158 -15.29 -12.27 23.57
C HIS D 158 -15.43 -11.09 22.65
N VAL D 159 -15.49 -9.89 23.21
CA VAL D 159 -15.50 -8.68 22.36
C VAL D 159 -14.33 -7.74 22.60
N LEU D 160 -13.91 -7.12 21.50
CA LEU D 160 -12.82 -6.19 21.49
C LEU D 160 -13.42 -4.90 21.00
N ILE D 161 -13.49 -3.90 21.90
CA ILE D 161 -13.94 -2.59 21.51
C ILE D 161 -12.77 -1.86 20.84
N VAL D 162 -13.03 -1.26 19.68
CA VAL D 162 -12.01 -0.53 18.94
C VAL D 162 -12.41 0.95 18.96
N GLU D 163 -11.61 1.75 19.65
CA GLU D 163 -11.90 3.17 19.82
C GLU D 163 -10.72 4.01 19.41
N ASP D 164 -11.00 5.18 18.84
CA ASP D 164 -9.97 6.06 18.31
C ASP D 164 -9.14 6.75 19.44
N ILE D 165 -9.85 7.33 20.40
CA ILE D 165 -9.14 8.13 21.43
C ILE D 165 -9.81 8.08 22.76
N ILE D 166 -9.02 7.93 23.82
CA ILE D 166 -9.50 8.11 25.17
C ILE D 166 -8.97 9.47 25.63
N ASP D 167 -9.89 10.29 26.13
CA ASP D 167 -9.59 11.65 26.50
C ASP D 167 -10.05 11.81 27.93
N THR D 168 -11.32 12.15 28.12
CA THR D 168 -11.93 12.16 29.46
C THR D 168 -12.17 10.76 30.00
N GLY D 169 -12.23 9.77 29.10
CA GLY D 169 -12.64 8.42 29.48
C GLY D 169 -14.14 8.25 29.64
N LYS D 170 -14.91 9.28 29.35
CA LYS D 170 -16.35 9.22 29.61
C LYS D 170 -17.07 8.34 28.62
N THR D 171 -16.69 8.43 27.35
CA THR D 171 -17.32 7.54 26.33
C THR D 171 -17.22 6.07 26.71
N LEU D 172 -16.02 5.65 27.10
CA LEU D 172 -15.78 4.25 27.35
C LEU D 172 -16.41 3.75 28.67
N VAL D 173 -16.37 4.56 29.73
CA VAL D 173 -17.08 4.19 30.96
CA VAL D 173 -17.07 4.17 30.95
C VAL D 173 -18.59 3.97 30.67
N LYS D 174 -19.19 4.94 29.99
CA LYS D 174 -20.63 4.86 29.69
C LYS D 174 -20.97 3.68 28.77
N PHE D 175 -20.16 3.48 27.73
CA PHE D 175 -20.42 2.39 26.78
C PHE D 175 -20.20 1.02 27.39
N CYS D 176 -19.16 0.87 28.19
CA CYS D 176 -18.94 -0.39 28.87
C CYS D 176 -20.09 -0.71 29.82
N GLU D 177 -20.57 0.28 30.56
CA GLU D 177 -21.76 0.10 31.40
C GLU D 177 -22.94 -0.44 30.56
N TYR D 178 -23.23 0.25 29.46
CA TYR D 178 -24.26 -0.12 28.49
C TYR D 178 -24.15 -1.52 27.89
N LEU D 179 -22.93 -2.04 27.73
CA LEU D 179 -22.73 -3.38 27.18
C LEU D 179 -23.13 -4.49 28.15
N LYS D 180 -23.12 -4.16 29.44
CA LYS D 180 -23.44 -5.14 30.48
C LYS D 180 -24.74 -5.92 30.24
N LYS D 181 -25.72 -5.26 29.64
CA LYS D 181 -27.02 -5.89 29.42
C LYS D 181 -26.98 -7.08 28.45
N PHE D 182 -25.99 -7.14 27.56
CA PHE D 182 -25.97 -8.21 26.57
C PHE D 182 -25.28 -9.51 27.01
N GLU D 183 -24.78 -9.55 28.25
CA GLU D 183 -24.16 -10.77 28.81
C GLU D 183 -23.02 -11.36 27.93
N ILE D 184 -22.17 -10.46 27.50
CA ILE D 184 -20.95 -10.75 26.79
C ILE D 184 -19.98 -11.47 27.74
N LYS D 185 -19.18 -12.38 27.18
CA LYS D 185 -18.22 -13.17 27.97
C LYS D 185 -17.02 -12.36 28.49
N THR D 186 -16.34 -11.62 27.60
CA THR D 186 -15.20 -10.74 28.00
C THR D 186 -15.28 -9.45 27.20
N VAL D 187 -14.82 -8.37 27.80
CA VAL D 187 -14.70 -7.11 27.08
C VAL D 187 -13.29 -6.59 27.27
N ALA D 188 -12.59 -6.46 26.14
CA ALA D 188 -11.25 -5.88 26.07
C ALA D 188 -11.34 -4.61 25.25
N ILE D 189 -10.37 -3.72 25.45
CA ILE D 189 -10.41 -2.43 24.86
C ILE D 189 -9.13 -2.19 24.09
N ALA D 190 -9.27 -1.78 22.83
CA ALA D 190 -8.12 -1.33 22.05
C ALA D 190 -8.34 0.12 21.66
N CYS D 191 -7.34 0.96 21.90
CA CYS D 191 -7.48 2.38 21.64
C CYS D 191 -6.22 2.95 20.97
N LEU D 192 -6.41 3.71 19.89
CA LEU D 192 -5.28 4.21 19.13
C LEU D 192 -4.50 5.30 19.92
N PHE D 193 -5.22 6.26 20.52
CA PHE D 193 -4.60 7.41 21.20
C PHE D 193 -5.10 7.53 22.63
N ILE D 194 -4.20 7.78 23.55
CA ILE D 194 -4.64 8.19 24.88
C ILE D 194 -4.02 9.57 25.17
N LYS D 195 -4.83 10.53 25.60
CA LYS D 195 -4.37 11.89 25.80
C LYS D 195 -4.03 12.12 27.28
N ARG D 196 -2.87 12.71 27.53
CA ARG D 196 -2.46 13.01 28.90
C ARG D 196 -3.16 14.31 29.31
N THR D 197 -4.41 14.18 29.72
CA THR D 197 -5.17 15.34 30.17
C THR D 197 -5.49 15.17 31.65
N PRO D 198 -5.51 16.28 32.41
CA PRO D 198 -5.99 16.20 33.80
C PRO D 198 -7.50 15.91 33.89
N LEU D 199 -8.24 16.03 32.77
CA LEU D 199 -9.66 15.66 32.76
C LEU D 199 -9.91 14.13 32.80
N TRP D 200 -8.87 13.31 32.61
CA TRP D 200 -9.01 11.83 32.51
C TRP D 200 -9.51 11.14 33.79
N ASN D 201 -10.51 10.27 33.64
CA ASN D 201 -11.14 9.54 34.75
C ASN D 201 -10.45 8.22 35.15
N GLY D 202 -9.33 7.91 34.53
CA GLY D 202 -8.57 6.70 34.90
C GLY D 202 -8.81 5.48 34.02
N PHE D 203 -9.75 5.57 33.08
CA PHE D 203 -10.07 4.46 32.18
C PHE D 203 -8.88 4.14 31.28
N LYS D 204 -8.34 2.92 31.40
CA LYS D 204 -7.17 2.50 30.61
C LYS D 204 -7.59 1.45 29.59
N ALA D 205 -6.94 1.46 28.43
CA ALA D 205 -7.19 0.46 27.38
C ALA D 205 -6.32 -0.76 27.62
N ASP D 206 -6.68 -1.88 27.01
CA ASP D 206 -5.84 -3.09 27.06
C ASP D 206 -4.77 -3.13 25.98
N PHE D 207 -5.07 -2.50 24.84
CA PHE D 207 -4.05 -2.33 23.81
C PHE D 207 -4.06 -0.85 23.43
N VAL D 208 -2.91 -0.23 23.37
CA VAL D 208 -2.89 1.22 23.20
C VAL D 208 -1.77 1.65 22.29
N GLY D 209 -2.09 2.51 21.32
CA GLY D 209 -1.12 2.92 20.32
C GLY D 209 -0.12 3.95 20.78
N PHE D 210 -0.65 5.13 21.15
CA PHE D 210 0.17 6.31 21.39
C PHE D 210 -0.35 7.05 22.58
N SER D 211 0.54 7.52 23.45
CA SER D 211 0.19 8.52 24.48
C SER D 211 0.58 9.91 23.93
N ILE D 212 -0.38 10.83 23.93
CA ILE D 212 -0.19 12.12 23.27
C ILE D 212 -0.42 13.31 24.20
N PRO D 213 0.11 14.50 23.83
CA PRO D 213 0.01 15.69 24.65
C PRO D 213 -1.44 16.16 24.76
N ASP D 214 -1.68 17.08 25.68
CA ASP D 214 -3.01 17.59 25.93
C ASP D 214 -3.36 18.73 24.95
N HIS D 215 -3.70 18.36 23.72
CA HIS D 215 -4.14 19.31 22.70
C HIS D 215 -5.16 18.59 21.87
N PHE D 216 -6.09 19.32 21.28
CA PHE D 216 -7.13 18.64 20.48
C PHE D 216 -6.56 18.23 19.11
N VAL D 217 -6.62 16.94 18.81
CA VAL D 217 -6.01 16.38 17.58
C VAL D 217 -7.05 16.20 16.50
N VAL D 218 -6.62 16.30 15.25
CA VAL D 218 -7.50 16.00 14.12
C VAL D 218 -6.72 15.14 13.14
N GLY D 219 -7.45 14.46 12.27
CA GLY D 219 -6.83 13.63 11.27
C GLY D 219 -6.98 12.17 11.57
N TYR D 220 -6.69 11.34 10.56
CA TYR D 220 -6.84 9.89 10.72
C TYR D 220 -8.23 9.50 11.30
N SER D 221 -9.29 10.03 10.70
CA SER D 221 -10.69 9.87 11.19
C SER D 221 -11.16 10.71 12.37
N LEU D 222 -10.24 11.34 13.11
CA LEU D 222 -10.65 12.24 14.19
C LEU D 222 -10.99 13.59 13.62
N ASP D 223 -12.16 14.11 14.02
CA ASP D 223 -12.72 15.32 13.45
C ASP D 223 -12.73 16.45 14.47
N TYR D 224 -12.87 17.66 13.96
CA TYR D 224 -13.34 18.76 14.77
C TYR D 224 -14.62 19.18 14.06
N ASN D 225 -15.77 18.97 14.73
CA ASN D 225 -17.11 19.23 14.15
C ASN D 225 -17.21 18.74 12.72
N GLU D 226 -16.91 17.45 12.54
CA GLU D 226 -16.97 16.76 11.25
C GLU D 226 -15.90 17.13 10.22
N ILE D 227 -15.07 18.12 10.52
CA ILE D 227 -13.97 18.50 9.62
C ILE D 227 -12.67 17.71 9.93
N PHE D 228 -11.83 17.52 8.90
CA PHE D 228 -10.46 16.97 9.01
C PHE D 228 -10.35 15.46 9.06
N ARG D 229 -11.48 14.74 8.94
CA ARG D 229 -11.43 13.27 9.00
C ARG D 229 -10.55 12.70 7.90
N ASP D 230 -10.59 13.34 6.73
CA ASP D 230 -9.85 12.92 5.56
C ASP D 230 -8.38 13.29 5.64
N LEU D 231 -7.98 14.06 6.64
CA LEU D 231 -6.58 14.43 6.82
C LEU D 231 -5.77 13.18 7.23
N ASP D 232 -4.68 12.87 6.50
CA ASP D 232 -3.98 11.57 6.66
C ASP D 232 -3.14 11.44 7.95
N HIS D 233 -2.67 12.57 8.46
CA HIS D 233 -1.76 12.60 9.62
C HIS D 233 -2.50 13.13 10.84
N CYS D 234 -2.03 12.73 12.02
CA CYS D 234 -2.60 13.21 13.26
C CYS D 234 -1.99 14.59 13.50
N CYS D 235 -2.83 15.63 13.53
CA CYS D 235 -2.33 17.00 13.61
C CYS D 235 -3.02 17.81 14.69
N LEU D 236 -2.42 18.91 15.13
CA LEU D 236 -3.07 19.78 16.09
C LEU D 236 -3.85 20.86 15.35
N VAL D 237 -5.10 21.08 15.72
CA VAL D 237 -5.89 22.13 15.09
C VAL D 237 -5.61 23.44 15.83
N ASN D 238 -5.40 24.53 15.10
CA ASN D 238 -5.07 25.81 15.74
C ASN D 238 -6.34 26.59 16.07
N ASP D 239 -6.18 27.75 16.70
CA ASP D 239 -7.35 28.48 17.12
C ASP D 239 -8.14 29.06 15.94
N GLU D 240 -7.47 29.37 14.85
CA GLU D 240 -8.18 29.82 13.64
C GLU D 240 -9.09 28.73 13.11
N GLY D 241 -8.57 27.49 13.14
CA GLY D 241 -9.37 26.31 12.80
C GLY D 241 -10.54 26.09 13.76
N LYS D 242 -10.29 26.17 15.06
CA LYS D 242 -11.36 25.97 16.04
C LYS D 242 -12.44 27.05 15.88
N LYS D 243 -12.01 28.27 15.56
CA LYS D 243 -12.93 29.37 15.33
C LYS D 243 -13.76 29.21 14.06
N LYS D 244 -13.10 29.03 12.93
CA LYS D 244 -13.73 28.84 11.63
C LYS D 244 -14.79 27.74 11.65
N TYR D 245 -14.48 26.61 12.28
CA TYR D 245 -15.35 25.44 12.23
C TYR D 245 -16.18 25.22 13.49
N LYS D 246 -16.24 26.22 14.36
CA LYS D 246 -17.02 26.13 15.59
C LYS D 246 -18.50 25.71 15.33
N ALA D 247 -19.12 24.98 16.26
CA ALA D 247 -20.52 24.58 16.09
C ALA D 247 -21.43 25.83 16.09
N THR D 248 -22.45 25.87 15.25
CA THR D 248 -23.23 27.12 15.15
C THR D 248 -24.71 26.98 15.56
#